data_8Z6G
#
_entry.id   8Z6G
#
_cell.length_a   126.525
_cell.length_b   126.525
_cell.length_c   42.841
_cell.angle_alpha   90.000
_cell.angle_beta   90.000
_cell.angle_gamma   120.000
#
_symmetry.space_group_name_H-M   'P 32'
#
loop_
_entity.id
_entity.type
_entity.pdbx_description
1 polymer 'Anti sigma-E RseA, N-terminal domain protein'
2 polymer 'RNA polymerase sigma factor'
3 water water
#
loop_
_entity_poly.entity_id
_entity_poly.type
_entity_poly.pdbx_seq_one_letter_code
_entity_poly.pdbx_strand_id
1 'polypeptide(L)'
;PLEHHHHHHMSREALQETLSAVMDNEADELELRRVLAACGEDAELRSTWSRYQLARSVMHREPTLPKLDIAAAVSAALAD
EAAPPKAEK
;
A,C,E
2 'polypeptide(L)'
;MMLTQEQDQQLVERVQRGDKRAFDLLVLKYQHKILGLIVRFVHDAQEAQDVAQEAFIKAYRALGNFRGDSAFYTWLYRIA
INTAKNHLVARGRRPPDSDVTAEDAEFFEGDHALKDIESPERAMLRDEIEATVHQTIQQLPEDLRTALTLREFEGLSYED
IATVMQCPVGTVRSRIFRAREAIDKALQPLLREALEVLFQG
;
B,D,F
#
# COMPACT_ATOMS: atom_id res chain seq x y z
N SER A 11 -1.06 -7.27 -42.24
CA SER A 11 -0.35 -6.57 -41.20
C SER A 11 -0.64 -7.07 -39.79
N ARG A 12 -1.36 -8.18 -39.63
CA ARG A 12 -1.62 -8.68 -38.29
C ARG A 12 -0.31 -9.03 -37.59
N GLU A 13 0.61 -9.68 -38.30
CA GLU A 13 1.87 -10.06 -37.68
C GLU A 13 2.67 -8.85 -37.26
N ALA A 14 2.75 -7.82 -38.12
CA ALA A 14 3.42 -6.59 -37.76
C ALA A 14 2.72 -5.92 -36.58
N LEU A 15 1.39 -5.94 -36.57
CA LEU A 15 0.66 -5.37 -35.45
C LEU A 15 0.89 -6.18 -34.18
N GLN A 16 1.06 -7.50 -34.32
CA GLN A 16 1.35 -8.33 -33.16
C GLN A 16 2.73 -8.00 -32.58
N GLU A 17 3.71 -7.70 -33.44
CA GLU A 17 5.00 -7.24 -32.90
C GLU A 17 4.85 -5.89 -32.22
N THR A 18 3.99 -5.02 -32.77
CA THR A 18 3.73 -3.74 -32.14
C THR A 18 3.08 -3.93 -30.77
N LEU A 19 2.14 -4.89 -30.69
CA LEU A 19 1.53 -5.23 -29.41
C LEU A 19 2.59 -5.60 -28.38
N SER A 20 3.61 -6.35 -28.80
CA SER A 20 4.67 -6.77 -27.89
C SER A 20 5.43 -5.58 -27.33
N ALA A 21 5.75 -4.61 -28.20
CA ALA A 21 6.46 -3.41 -27.72
C ALA A 21 5.60 -2.60 -26.75
N VAL A 22 4.31 -2.46 -27.04
CA VAL A 22 3.41 -1.76 -26.12
C VAL A 22 3.44 -2.44 -24.75
N MET A 23 3.48 -3.77 -24.76
CA MET A 23 3.58 -4.51 -23.50
C MET A 23 4.79 -4.03 -22.69
N ASP A 24 5.88 -3.70 -23.37
CA ASP A 24 7.12 -3.29 -22.72
C ASP A 24 7.33 -1.78 -22.70
N ASN A 25 6.36 -1.02 -23.18
CA ASN A 25 6.46 0.45 -23.29
C ASN A 25 7.67 0.87 -24.15
N GLU A 26 7.92 0.13 -25.22
CA GLU A 26 9.01 0.43 -26.14
C GLU A 26 8.50 0.74 -27.55
N ALA A 27 7.21 0.99 -27.70
CA ALA A 27 6.62 1.23 -29.01
C ALA A 27 6.82 2.67 -29.43
N ASP A 28 6.93 2.88 -30.74
CA ASP A 28 6.99 4.25 -31.24
C ASP A 28 5.60 4.86 -31.24
N GLU A 29 5.57 6.19 -31.21
CA GLU A 29 4.30 6.90 -31.00
C GLU A 29 3.33 6.65 -32.15
N LEU A 30 3.83 6.42 -33.36
CA LEU A 30 2.94 6.26 -34.50
C LEU A 30 2.28 4.88 -34.52
N GLU A 31 3.08 3.82 -34.34
CA GLU A 31 2.52 2.48 -34.26
C GLU A 31 1.61 2.33 -33.05
N LEU A 32 1.91 3.07 -31.97
CA LEU A 32 1.02 3.09 -30.80
C LEU A 32 -0.38 3.53 -31.19
N ARG A 33 -0.47 4.60 -31.98
CA ARG A 33 -1.76 5.03 -32.48
C ARG A 33 -2.37 3.98 -33.40
N ARG A 34 -1.54 3.36 -34.26
CA ARG A 34 -2.04 2.41 -35.25
C ARG A 34 -2.68 1.18 -34.61
N VAL A 35 -1.97 0.53 -33.69
CA VAL A 35 -2.44 -0.73 -33.12
C VAL A 35 -3.73 -0.53 -32.33
N LEU A 36 -3.86 0.60 -31.63
CA LEU A 36 -5.06 0.84 -30.85
C LEU A 36 -6.29 0.94 -31.76
N ALA A 37 -6.11 1.46 -32.97
CA ALA A 37 -7.23 1.50 -33.91
C ALA A 37 -7.50 0.12 -34.48
N ALA A 38 -6.44 -0.63 -34.81
CA ALA A 38 -6.62 -1.98 -35.33
C ALA A 38 -7.23 -2.90 -34.27
N CYS A 39 -6.81 -2.76 -33.01
CA CYS A 39 -7.40 -3.55 -31.93
C CYS A 39 -8.91 -3.35 -31.89
N GLY A 40 -9.37 -2.12 -32.13
CA GLY A 40 -10.80 -1.85 -32.16
C GLY A 40 -11.59 -2.65 -33.17
N GLU A 41 -10.96 -3.04 -34.29
CA GLU A 41 -11.68 -3.62 -35.41
C GLU A 41 -11.17 -4.99 -35.87
N ASP A 42 -10.18 -5.56 -35.19
CA ASP A 42 -9.72 -6.92 -35.46
C ASP A 42 -9.79 -7.69 -34.15
N ALA A 43 -10.78 -8.59 -34.05
CA ALA A 43 -11.03 -9.25 -32.78
C ALA A 43 -9.82 -10.09 -32.36
N GLU A 44 -9.17 -10.74 -33.32
CA GLU A 44 -7.99 -11.54 -33.01
C GLU A 44 -6.86 -10.69 -32.45
N LEU A 45 -6.71 -9.45 -32.92
CA LEU A 45 -5.63 -8.59 -32.42
C LEU A 45 -5.79 -8.28 -30.94
N ARG A 46 -6.99 -7.91 -30.51
CA ARG A 46 -7.21 -7.70 -29.09
C ARG A 46 -7.05 -9.03 -28.33
N SER A 47 -7.52 -10.12 -28.92
CA SER A 47 -7.38 -11.42 -28.27
C SER A 47 -5.90 -11.76 -28.08
N THR A 48 -5.06 -11.37 -29.03
CA THR A 48 -3.61 -11.55 -28.89
C THR A 48 -3.08 -10.81 -27.68
N TRP A 49 -3.49 -9.54 -27.51
CA TRP A 49 -3.11 -8.78 -26.32
C TRP A 49 -3.59 -9.48 -25.05
N SER A 50 -4.86 -9.89 -25.02
CA SER A 50 -5.40 -10.62 -23.88
C SER A 50 -4.53 -11.83 -23.55
N ARG A 51 -4.27 -12.67 -24.56
CA ARG A 51 -3.44 -13.84 -24.36
C ARG A 51 -2.02 -13.48 -23.90
N TYR A 52 -1.42 -12.44 -24.51
CA TYR A 52 -0.06 -12.06 -24.13
C TYR A 52 0.04 -11.74 -22.64
N GLN A 53 -0.92 -10.97 -22.11
CA GLN A 53 -0.91 -10.64 -20.70
C GLN A 53 -1.37 -11.82 -19.85
N LEU A 54 -2.15 -12.73 -20.44
CA LEU A 54 -2.51 -13.96 -19.74
C LEU A 54 -1.26 -14.81 -19.51
N ALA A 55 -0.47 -15.01 -20.57
CA ALA A 55 0.79 -15.72 -20.43
C ALA A 55 1.78 -14.95 -19.56
N ARG A 56 1.79 -13.62 -19.65
CA ARG A 56 2.71 -12.84 -18.84
C ARG A 56 2.46 -13.07 -17.35
N SER A 57 1.20 -13.21 -16.95
CA SER A 57 0.91 -13.48 -15.55
C SER A 57 1.45 -14.84 -15.13
N VAL A 58 1.47 -15.80 -16.05
CA VAL A 58 2.02 -17.12 -15.75
C VAL A 58 3.53 -17.04 -15.48
N MET A 59 4.25 -16.29 -16.33
CA MET A 59 5.68 -16.11 -16.08
C MET A 59 5.90 -15.47 -14.71
N HIS A 60 4.97 -14.64 -14.26
CA HIS A 60 5.05 -13.99 -12.96
C HIS A 60 4.18 -14.67 -11.90
N ARG A 61 3.50 -15.76 -12.25
CA ARG A 61 2.63 -16.50 -11.33
C ARG A 61 1.54 -15.61 -10.75
N GLU A 62 0.85 -14.91 -11.63
CA GLU A 62 -0.22 -14.05 -11.17
C GLU A 62 -1.57 -14.71 -11.45
N PRO A 63 -2.64 -14.26 -10.79
CA PRO A 63 -3.95 -14.88 -11.04
C PRO A 63 -4.35 -14.81 -12.51
N THR A 64 -4.83 -15.95 -13.02
CA THR A 64 -5.34 -16.05 -14.38
C THR A 64 -6.61 -16.88 -14.35
N LEU A 65 -7.59 -16.45 -15.15
CA LEU A 65 -8.87 -17.15 -15.33
C LEU A 65 -9.14 -17.18 -16.82
N PRO A 66 -8.61 -18.17 -17.53
CA PRO A 66 -8.73 -18.22 -19.00
C PRO A 66 -10.17 -18.06 -19.49
N LYS A 67 -10.30 -17.45 -20.66
CA LYS A 67 -11.59 -17.24 -21.33
C LYS A 67 -12.50 -16.29 -20.54
N LEU A 68 -11.87 -15.39 -19.79
CA LEU A 68 -12.55 -14.34 -19.06
C LEU A 68 -12.38 -13.04 -19.84
N ASP A 69 -13.50 -12.42 -20.24
CA ASP A 69 -13.49 -11.19 -21.01
C ASP A 69 -14.49 -10.20 -20.40
N ILE A 70 -14.12 -9.61 -19.26
CA ILE A 70 -14.93 -8.53 -18.69
C ILE A 70 -14.81 -7.29 -19.57
N ALA A 71 -13.67 -7.15 -20.26
CA ALA A 71 -13.40 -5.95 -21.06
C ALA A 71 -14.51 -5.64 -22.05
N ALA A 72 -15.06 -6.66 -22.71
CA ALA A 72 -16.08 -6.42 -23.72
C ALA A 72 -17.32 -5.78 -23.12
N ALA A 73 -17.83 -6.34 -22.03
CA ALA A 73 -18.99 -5.75 -21.38
C ALA A 73 -18.70 -4.34 -20.89
N VAL A 74 -17.47 -4.09 -20.42
CA VAL A 74 -17.10 -2.73 -20.02
C VAL A 74 -17.03 -1.81 -21.24
N SER A 75 -16.30 -2.24 -22.27
CA SER A 75 -16.17 -1.43 -23.48
C SER A 75 -17.54 -1.09 -24.04
N ALA A 76 -18.40 -2.09 -24.16
CA ALA A 76 -19.78 -1.85 -24.60
C ALA A 76 -20.48 -0.83 -23.71
N ALA A 77 -20.35 -0.98 -22.39
CA ALA A 77 -21.03 -0.08 -21.47
C ALA A 77 -20.44 1.33 -21.50
N LEU A 78 -19.15 1.46 -21.84
CA LEU A 78 -18.52 2.76 -21.98
C LEU A 78 -18.61 3.30 -23.40
N ALA A 79 -19.13 2.51 -24.33
CA ALA A 79 -19.10 2.84 -25.75
C ALA A 79 -19.69 4.22 -26.04
N ASP A 80 -20.90 4.48 -25.56
CA ASP A 80 -21.67 5.67 -25.93
C ASP A 80 -21.71 6.62 -24.73
N GLU A 81 -21.22 7.85 -24.95
CA GLU A 81 -20.83 8.83 -23.91
C GLU A 81 -19.46 8.48 -23.32
N GLU B 6 5.52 3.20 -12.68
CA GLU B 6 4.46 3.23 -13.69
C GLU B 6 4.70 2.19 -14.78
N GLN B 7 4.27 0.96 -14.57
CA GLN B 7 4.48 -0.16 -15.51
C GLN B 7 3.74 -0.01 -16.84
N ASP B 8 2.66 0.74 -16.87
CA ASP B 8 1.83 0.88 -18.10
C ASP B 8 1.93 2.29 -18.71
N GLN B 9 3.10 2.91 -18.67
CA GLN B 9 3.20 4.34 -19.03
C GLN B 9 2.66 4.66 -20.42
N GLN B 10 3.10 3.98 -21.47
CA GLN B 10 2.62 4.29 -22.81
C GLN B 10 1.11 4.16 -22.92
N LEU B 11 0.54 3.13 -22.28
CA LEU B 11 -0.89 2.89 -22.36
C LEU B 11 -1.68 3.79 -21.41
N VAL B 12 -1.05 4.22 -20.31
CA VAL B 12 -1.70 5.16 -19.40
C VAL B 12 -1.85 6.53 -20.07
N GLU B 13 -0.79 6.99 -20.73
CA GLU B 13 -0.84 8.26 -21.45
C GLU B 13 -2.05 8.35 -22.38
N ARG B 14 -2.40 7.24 -23.03
CA ARG B 14 -3.53 7.29 -23.96
C ARG B 14 -4.86 7.40 -23.22
N VAL B 15 -4.97 6.76 -22.05
CA VAL B 15 -6.26 6.81 -21.36
C VAL B 15 -6.42 8.13 -20.62
N GLN B 16 -5.34 8.69 -20.07
CA GLN B 16 -5.42 10.03 -19.50
C GLN B 16 -5.76 11.05 -20.57
N ARG B 17 -5.38 10.77 -21.82
CA ARG B 17 -5.86 11.53 -22.97
C ARG B 17 -7.27 11.13 -23.40
N GLY B 18 -7.87 10.15 -22.73
CA GLY B 18 -9.24 9.77 -23.01
C GLY B 18 -9.43 8.66 -24.02
N ASP B 19 -8.44 7.79 -24.22
CA ASP B 19 -8.51 6.74 -25.23
C ASP B 19 -9.23 5.51 -24.66
N LYS B 20 -10.38 5.18 -25.25
CA LYS B 20 -11.16 4.04 -24.79
C LYS B 20 -10.65 2.71 -25.32
N ARG B 21 -9.89 2.72 -26.42
CA ARG B 21 -9.30 1.49 -26.92
C ARG B 21 -8.12 1.07 -26.04
N ALA B 22 -7.34 2.05 -25.58
CA ALA B 22 -6.32 1.78 -24.59
C ALA B 22 -6.92 1.28 -23.28
N PHE B 23 -8.04 1.87 -22.85
CA PHE B 23 -8.70 1.38 -21.65
C PHE B 23 -9.14 -0.06 -21.81
N ASP B 24 -9.62 -0.41 -23.00
CA ASP B 24 -9.96 -1.79 -23.28
C ASP B 24 -8.77 -2.71 -23.02
N LEU B 25 -7.55 -2.22 -23.29
CA LEU B 25 -6.35 -3.00 -23.04
C LEU B 25 -6.06 -3.17 -21.55
N LEU B 26 -6.28 -2.12 -20.75
CA LEU B 26 -5.99 -2.25 -19.32
C LEU B 26 -7.01 -3.15 -18.63
N VAL B 27 -8.28 -3.08 -19.05
CA VAL B 27 -9.28 -4.01 -18.54
C VAL B 27 -8.93 -5.43 -18.96
N LEU B 28 -8.60 -5.62 -20.25
CA LEU B 28 -8.17 -6.92 -20.73
C LEU B 28 -6.95 -7.41 -19.97
N LYS B 29 -6.01 -6.51 -19.65
CA LYS B 29 -4.79 -6.89 -18.97
C LYS B 29 -5.00 -7.19 -17.48
N TYR B 30 -5.90 -6.47 -16.81
CA TYR B 30 -6.02 -6.54 -15.36
C TYR B 30 -7.32 -7.13 -14.88
N GLN B 31 -8.12 -7.72 -15.79
CA GLN B 31 -9.43 -8.24 -15.40
C GLN B 31 -9.33 -9.33 -14.35
N HIS B 32 -8.30 -10.19 -14.44
CA HIS B 32 -8.15 -11.28 -13.49
C HIS B 32 -7.84 -10.75 -12.09
N LYS B 33 -6.82 -9.88 -11.98
CA LYS B 33 -6.44 -9.34 -10.67
C LYS B 33 -7.59 -8.58 -10.03
N ILE B 34 -8.35 -7.83 -10.83
CA ILE B 34 -9.44 -7.07 -10.27
C ILE B 34 -10.53 -8.02 -9.77
N LEU B 35 -10.83 -9.05 -10.57
CA LEU B 35 -11.82 -10.06 -10.17
C LEU B 35 -11.36 -10.85 -8.96
N GLY B 36 -10.09 -11.29 -8.97
CA GLY B 36 -9.54 -12.02 -7.84
C GLY B 36 -9.60 -11.22 -6.56
N LEU B 37 -9.69 -9.89 -6.68
CA LEU B 37 -9.94 -9.03 -5.54
C LEU B 37 -11.41 -8.95 -5.18
N ILE B 38 -12.28 -8.70 -6.17
CA ILE B 38 -13.72 -8.64 -5.92
C ILE B 38 -14.22 -9.94 -5.27
N VAL B 39 -13.71 -11.09 -5.72
CA VAL B 39 -14.21 -12.37 -5.21
C VAL B 39 -14.01 -12.47 -3.70
N ARG B 40 -12.93 -11.87 -3.19
CA ARG B 40 -12.70 -11.86 -1.74
C ARG B 40 -13.87 -11.27 -0.96
N PHE B 41 -14.71 -10.47 -1.61
CA PHE B 41 -15.78 -9.75 -0.91
C PHE B 41 -17.20 -10.21 -1.24
N VAL B 42 -17.48 -10.69 -2.44
CA VAL B 42 -18.87 -10.93 -2.82
C VAL B 42 -19.28 -12.40 -2.75
N HIS B 43 -18.34 -13.34 -2.85
CA HIS B 43 -18.61 -14.77 -2.73
C HIS B 43 -19.78 -15.19 -3.62
N ASP B 44 -19.69 -14.80 -4.88
CA ASP B 44 -20.60 -15.24 -5.93
C ASP B 44 -19.87 -14.98 -7.24
N ALA B 45 -19.86 -15.99 -8.11
CA ALA B 45 -19.02 -15.91 -9.30
C ALA B 45 -19.52 -14.82 -10.25
N GLN B 46 -20.82 -14.84 -10.54
CA GLN B 46 -21.41 -13.84 -11.42
C GLN B 46 -21.36 -12.45 -10.79
N GLU B 47 -21.95 -12.33 -9.59
CA GLU B 47 -22.03 -11.05 -8.89
C GLU B 47 -20.72 -10.28 -8.85
N ALA B 48 -19.59 -11.00 -8.71
CA ALA B 48 -18.29 -10.33 -8.69
C ALA B 48 -17.94 -9.73 -10.05
N GLN B 49 -18.27 -10.45 -11.13
CA GLN B 49 -18.03 -9.93 -12.46
C GLN B 49 -18.85 -8.68 -12.72
N ASP B 50 -20.10 -8.68 -12.28
CA ASP B 50 -20.95 -7.50 -12.47
C ASP B 50 -20.42 -6.32 -11.66
N VAL B 51 -19.85 -6.58 -10.48
CA VAL B 51 -19.16 -5.53 -9.74
C VAL B 51 -17.87 -5.13 -10.45
N ALA B 52 -17.10 -6.12 -10.93
CA ALA B 52 -15.85 -5.83 -11.63
C ALA B 52 -16.09 -4.94 -12.83
N GLN B 53 -17.23 -5.14 -13.51
CA GLN B 53 -17.67 -4.24 -14.57
C GLN B 53 -17.80 -2.83 -14.04
N GLU B 54 -18.68 -2.68 -13.04
CA GLU B 54 -18.96 -1.39 -12.42
C GLU B 54 -17.70 -0.75 -11.88
N ALA B 55 -16.75 -1.55 -11.40
CA ALA B 55 -15.52 -0.99 -10.87
C ALA B 55 -14.64 -0.43 -11.99
N PHE B 56 -14.56 -1.12 -13.13
CA PHE B 56 -13.84 -0.57 -14.28
C PHE B 56 -14.58 0.61 -14.89
N ILE B 57 -15.90 0.49 -15.04
CA ILE B 57 -16.70 1.60 -15.54
C ILE B 57 -16.47 2.83 -14.66
N LYS B 58 -16.60 2.64 -13.34
CA LYS B 58 -16.27 3.70 -12.39
C LYS B 58 -14.82 4.15 -12.54
N ALA B 59 -13.91 3.21 -12.83
CA ALA B 59 -12.50 3.56 -12.94
C ALA B 59 -12.25 4.54 -14.08
N TYR B 60 -12.87 4.28 -15.24
CA TYR B 60 -12.77 5.20 -16.36
C TYR B 60 -13.32 6.57 -15.99
N ARG B 61 -14.50 6.62 -15.38
CA ARG B 61 -15.18 7.88 -15.09
C ARG B 61 -14.42 8.77 -14.10
N ALA B 62 -13.43 8.23 -13.40
CA ALA B 62 -12.68 8.99 -12.41
C ALA B 62 -11.22 9.08 -12.81
N LEU B 63 -10.93 8.94 -14.11
CA LEU B 63 -9.58 9.14 -14.62
C LEU B 63 -9.14 10.59 -14.52
N GLY B 64 -10.10 11.53 -14.40
CA GLY B 64 -9.73 12.90 -14.08
C GLY B 64 -9.00 12.99 -12.76
N ASN B 65 -9.50 12.25 -11.76
CA ASN B 65 -8.93 12.27 -10.42
C ASN B 65 -7.65 11.46 -10.29
N PHE B 66 -7.20 10.80 -11.36
CA PHE B 66 -5.91 10.14 -11.36
C PHE B 66 -4.86 11.15 -11.81
N ARG B 67 -3.87 11.37 -10.96
CA ARG B 67 -2.85 12.39 -11.19
C ARG B 67 -1.54 11.81 -11.70
N GLY B 68 -1.46 10.49 -11.89
CA GLY B 68 -0.17 9.90 -12.11
C GLY B 68 0.73 9.92 -10.90
N ASP B 69 0.14 10.20 -9.75
CA ASP B 69 0.92 10.28 -8.51
C ASP B 69 1.56 8.92 -8.25
N SER B 70 0.75 7.87 -8.35
CA SER B 70 1.31 6.53 -8.13
C SER B 70 1.05 5.69 -9.37
N ALA B 71 1.39 4.41 -9.29
CA ALA B 71 1.17 3.46 -10.38
C ALA B 71 -0.33 3.35 -10.69
N PHE B 72 -0.64 3.26 -11.95
CA PHE B 72 -2.05 3.18 -12.35
C PHE B 72 -2.74 1.99 -11.70
N TYR B 73 -2.06 0.84 -11.61
CA TYR B 73 -2.73 -0.35 -11.06
C TYR B 73 -3.01 -0.19 -9.58
N THR B 74 -2.07 0.38 -8.82
CA THR B 74 -2.32 0.67 -7.42
C THR B 74 -3.53 1.57 -7.27
N TRP B 75 -3.58 2.63 -8.08
CA TRP B 75 -4.75 3.52 -8.11
C TRP B 75 -6.01 2.76 -8.48
N LEU B 76 -5.97 2.02 -9.60
CA LEU B 76 -7.13 1.27 -10.08
C LEU B 76 -7.59 0.23 -9.07
N TYR B 77 -6.63 -0.42 -8.40
CA TYR B 77 -6.93 -1.49 -7.45
C TYR B 77 -7.82 -0.99 -6.32
N ARG B 78 -7.57 0.23 -5.83
CA ARG B 78 -8.36 0.76 -4.73
C ARG B 78 -9.76 1.17 -5.18
N ILE B 79 -9.89 1.63 -6.43
CA ILE B 79 -11.22 1.88 -6.97
C ILE B 79 -12.01 0.58 -7.00
N ALA B 80 -11.37 -0.51 -7.41
CA ALA B 80 -12.01 -1.82 -7.35
C ALA B 80 -12.36 -2.19 -5.90
N ILE B 81 -11.41 -2.01 -4.98
CA ILE B 81 -11.67 -2.26 -3.57
C ILE B 81 -12.85 -1.43 -3.10
N ASN B 82 -12.82 -0.13 -3.39
CA ASN B 82 -13.88 0.77 -2.95
C ASN B 82 -15.25 0.30 -3.44
N THR B 83 -15.37 0.01 -4.74
CA THR B 83 -16.62 -0.45 -5.32
C THR B 83 -17.19 -1.64 -4.54
N ALA B 84 -16.33 -2.61 -4.21
CA ALA B 84 -16.81 -3.85 -3.59
C ALA B 84 -17.30 -3.61 -2.17
N LYS B 85 -16.53 -2.88 -1.36
CA LYS B 85 -16.96 -2.57 0.00
C LYS B 85 -18.21 -1.68 -0.02
N ASN B 86 -18.25 -0.73 -0.95
CA ASN B 86 -19.46 0.06 -1.15
C ASN B 86 -20.63 -0.84 -1.52
N HIS B 87 -20.38 -1.85 -2.35
CA HIS B 87 -21.40 -2.83 -2.69
C HIS B 87 -21.91 -3.52 -1.44
N LEU B 88 -20.99 -3.90 -0.55
CA LEU B 88 -21.36 -4.43 0.76
C LEU B 88 -22.09 -3.37 1.59
N VAL B 89 -21.53 -2.16 1.68
CA VAL B 89 -22.14 -1.08 2.46
C VAL B 89 -23.51 -0.71 1.91
N ALA B 90 -23.74 -0.88 0.61
CA ALA B 90 -25.03 -0.52 -0.02
C ALA B 90 -26.11 -1.37 0.61
N ARG B 91 -25.84 -2.66 0.69
CA ARG B 91 -26.66 -3.64 1.44
C ARG B 91 -26.28 -3.49 2.92
N GLY B 92 -27.00 -4.09 3.83
CA GLY B 92 -26.69 -3.81 5.24
C GLY B 92 -25.35 -4.33 5.66
N ARG B 93 -24.61 -4.92 4.73
CA ARG B 93 -23.46 -5.68 5.24
C ARG B 93 -22.29 -4.79 5.55
N ARG B 94 -21.87 -4.84 6.79
CA ARG B 94 -20.59 -4.23 7.09
C ARG B 94 -19.51 -4.94 6.31
N PRO B 95 -18.69 -4.23 5.55
CA PRO B 95 -17.60 -4.89 4.85
C PRO B 95 -16.52 -5.29 5.83
N PRO B 96 -15.70 -6.30 5.52
CA PRO B 96 -14.67 -6.78 6.43
C PRO B 96 -13.66 -5.71 6.81
N LYS B 115 -9.73 -15.83 -3.52
CA LYS B 115 -9.03 -15.79 -4.83
C LYS B 115 -9.91 -16.43 -5.89
N ASP B 116 -9.43 -16.40 -7.13
CA ASP B 116 -10.25 -16.91 -8.26
C ASP B 116 -10.66 -18.36 -8.02
N ILE B 117 -11.97 -18.55 -7.99
CA ILE B 117 -12.57 -19.90 -7.77
C ILE B 117 -13.44 -20.22 -8.99
N GLU B 118 -12.94 -21.25 -9.67
CA GLU B 118 -13.38 -21.75 -10.97
C GLU B 118 -14.05 -23.11 -10.90
N SER B 119 -14.72 -23.40 -11.99
CA SER B 119 -15.41 -24.67 -12.30
C SER B 119 -14.32 -25.72 -12.40
N PRO B 120 -14.51 -26.98 -12.02
CA PRO B 120 -13.40 -27.93 -12.11
C PRO B 120 -12.79 -28.12 -13.52
N GLU B 121 -13.60 -27.98 -14.55
CA GLU B 121 -13.21 -27.98 -15.97
C GLU B 121 -12.24 -26.81 -16.25
N ARG B 122 -12.47 -25.66 -15.64
CA ARG B 122 -11.57 -24.54 -15.88
C ARG B 122 -10.27 -24.70 -15.11
N ALA B 123 -10.30 -25.34 -13.93
CA ALA B 123 -9.06 -25.57 -13.19
C ALA B 123 -8.12 -26.50 -13.93
N MET B 124 -8.65 -27.40 -14.76
CA MET B 124 -7.80 -28.24 -15.60
C MET B 124 -7.23 -27.44 -16.76
N LEU B 125 -8.08 -26.65 -17.43
CA LEU B 125 -7.62 -25.82 -18.55
C LEU B 125 -6.52 -24.87 -18.10
N ARG B 126 -6.70 -24.21 -16.96
CA ARG B 126 -5.68 -23.30 -16.45
C ARG B 126 -4.37 -24.04 -16.18
N ASP B 127 -4.43 -25.23 -15.61
CA ASP B 127 -3.22 -26.03 -15.36
C ASP B 127 -2.52 -26.34 -16.67
N GLU B 128 -3.27 -26.81 -17.66
CA GLU B 128 -2.69 -27.13 -18.96
C GLU B 128 -2.06 -25.90 -19.61
N ILE B 129 -2.77 -24.77 -19.57
CA ILE B 129 -2.19 -23.51 -20.05
C ILE B 129 -0.90 -23.22 -19.32
N GLU B 130 -0.93 -23.29 -17.98
CA GLU B 130 0.28 -23.09 -17.18
C GLU B 130 1.38 -24.06 -17.60
N ALA B 131 1.02 -25.33 -17.81
CA ALA B 131 2.01 -26.30 -18.26
C ALA B 131 2.57 -25.92 -19.63
N THR B 132 1.70 -25.47 -20.54
CA THR B 132 2.16 -25.18 -21.90
C THR B 132 3.03 -23.93 -21.94
N VAL B 133 2.75 -22.95 -21.09
CA VAL B 133 3.58 -21.74 -21.01
C VAL B 133 5.00 -22.11 -20.59
N HIS B 134 5.15 -22.80 -19.46
CA HIS B 134 6.47 -23.14 -18.95
C HIS B 134 7.23 -24.06 -19.90
N GLN B 135 6.51 -25.00 -20.53
CA GLN B 135 7.16 -25.94 -21.43
C GLN B 135 7.72 -25.24 -22.68
N THR B 136 6.97 -24.29 -23.25
CA THR B 136 7.47 -23.55 -24.41
C THR B 136 8.69 -22.71 -24.04
N ILE B 137 8.65 -22.05 -22.88
CA ILE B 137 9.82 -21.34 -22.39
C ILE B 137 11.02 -22.27 -22.30
N GLN B 138 10.83 -23.42 -21.66
CA GLN B 138 11.90 -24.41 -21.52
C GLN B 138 12.52 -24.78 -22.86
N GLN B 139 11.73 -24.82 -23.92
CA GLN B 139 12.17 -25.26 -25.23
C GLN B 139 12.62 -24.13 -26.14
N LEU B 140 12.66 -22.91 -25.64
CA LEU B 140 13.01 -21.77 -26.49
C LEU B 140 14.48 -21.77 -26.86
N PRO B 141 14.83 -21.20 -28.01
CA PRO B 141 16.24 -20.88 -28.26
C PRO B 141 16.71 -19.89 -27.21
N GLU B 142 17.97 -20.06 -26.78
CA GLU B 142 18.46 -19.31 -25.62
C GLU B 142 18.24 -17.80 -25.75
N ASP B 143 18.46 -17.26 -26.94
CA ASP B 143 18.36 -15.81 -27.13
C ASP B 143 16.93 -15.34 -26.91
N LEU B 144 15.96 -16.12 -27.39
CA LEU B 144 14.57 -15.80 -27.09
C LEU B 144 14.35 -15.84 -25.58
N ARG B 145 14.84 -16.90 -24.93
CA ARG B 145 14.66 -17.04 -23.49
C ARG B 145 15.36 -15.93 -22.71
N THR B 146 16.62 -15.61 -23.05
CA THR B 146 17.35 -14.58 -22.31
C THR B 146 16.72 -13.20 -22.50
N ALA B 147 16.44 -12.83 -23.75
CA ALA B 147 15.85 -11.52 -24.02
C ALA B 147 14.48 -11.41 -23.36
N LEU B 148 13.62 -12.40 -23.58
CA LEU B 148 12.28 -12.36 -23.02
C LEU B 148 12.31 -12.26 -21.50
N THR B 149 13.18 -13.02 -20.85
CA THR B 149 13.27 -12.97 -19.39
C THR B 149 13.85 -11.64 -18.91
N LEU B 150 14.94 -11.17 -19.55
CA LEU B 150 15.57 -9.91 -19.15
C LEU B 150 14.53 -8.79 -19.10
N ARG B 151 13.60 -8.79 -20.04
CA ARG B 151 12.46 -7.90 -19.95
C ARG B 151 11.57 -8.29 -18.78
N GLU B 152 11.14 -9.55 -18.74
CA GLU B 152 10.10 -9.95 -17.80
C GLU B 152 10.59 -9.98 -16.36
N PHE B 153 11.82 -10.41 -16.11
CA PHE B 153 12.28 -10.59 -14.74
C PHE B 153 13.38 -9.64 -14.33
N GLU B 154 14.29 -9.28 -15.24
CA GLU B 154 15.31 -8.29 -14.92
C GLU B 154 14.81 -6.87 -15.07
N GLY B 155 13.69 -6.67 -15.76
CA GLY B 155 13.11 -5.35 -15.86
C GLY B 155 13.92 -4.40 -16.72
N LEU B 156 14.75 -4.93 -17.61
CA LEU B 156 15.64 -4.08 -18.37
C LEU B 156 14.91 -3.49 -19.57
N SER B 157 15.32 -2.29 -19.94
CA SER B 157 14.82 -1.68 -21.16
C SER B 157 15.42 -2.42 -22.36
N TYR B 158 14.76 -2.27 -23.51
CA TYR B 158 15.34 -2.81 -24.74
C TYR B 158 16.74 -2.26 -24.96
N GLU B 159 16.95 -0.99 -24.60
CA GLU B 159 18.28 -0.40 -24.63
C GLU B 159 19.25 -1.21 -23.78
N ASP B 160 18.98 -1.29 -22.48
CA ASP B 160 19.86 -2.01 -21.57
C ASP B 160 20.06 -3.47 -21.97
N ILE B 161 19.05 -4.09 -22.60
CA ILE B 161 19.21 -5.47 -23.04
C ILE B 161 20.15 -5.54 -24.23
N ALA B 162 19.97 -4.63 -25.20
CA ALA B 162 20.84 -4.61 -26.37
C ALA B 162 22.30 -4.58 -25.97
N THR B 163 22.62 -3.83 -24.90
CA THR B 163 23.97 -3.77 -24.39
C THR B 163 24.39 -5.10 -23.77
N VAL B 164 23.48 -5.77 -23.06
CA VAL B 164 23.85 -7.00 -22.35
C VAL B 164 24.07 -8.13 -23.34
N MET B 165 23.14 -8.32 -24.27
CA MET B 165 23.24 -9.39 -25.25
C MET B 165 24.10 -9.02 -26.45
N GLN B 166 24.72 -7.83 -26.43
CA GLN B 166 25.62 -7.36 -27.49
C GLN B 166 24.95 -7.45 -28.86
N CYS B 167 23.79 -6.81 -28.95
CA CYS B 167 22.93 -6.92 -30.11
C CYS B 167 22.30 -5.56 -30.38
N PRO B 168 21.77 -5.35 -31.58
CA PRO B 168 21.05 -4.10 -31.85
C PRO B 168 19.72 -4.07 -31.10
N VAL B 169 19.21 -2.84 -30.92
CA VAL B 169 17.95 -2.64 -30.23
C VAL B 169 16.79 -3.24 -31.01
N GLY B 170 16.87 -3.25 -32.35
CA GLY B 170 15.82 -3.87 -33.12
C GLY B 170 15.76 -5.37 -32.95
N THR B 171 16.92 -6.00 -32.76
CA THR B 171 16.94 -7.44 -32.48
C THR B 171 16.26 -7.76 -31.15
N VAL B 172 16.48 -6.94 -30.12
CA VAL B 172 15.85 -7.18 -28.82
C VAL B 172 14.33 -7.17 -28.97
N ARG B 173 13.80 -6.17 -29.66
CA ARG B 173 12.36 -6.09 -29.87
C ARG B 173 11.85 -7.31 -30.62
N SER B 174 12.65 -7.84 -31.54
CA SER B 174 12.20 -8.98 -32.34
C SER B 174 12.22 -10.29 -31.54
N ARG B 175 13.31 -10.54 -30.81
CA ARG B 175 13.46 -11.78 -30.07
C ARG B 175 12.34 -11.97 -29.05
N ILE B 176 12.03 -10.92 -28.29
CA ILE B 176 10.92 -10.99 -27.33
C ILE B 176 9.60 -11.27 -28.03
N PHE B 177 9.36 -10.59 -29.14
CA PHE B 177 8.13 -10.83 -29.90
C PHE B 177 8.02 -12.29 -30.29
N ARG B 178 9.08 -12.83 -30.89
CA ARG B 178 9.07 -14.23 -31.30
C ARG B 178 8.89 -15.15 -30.10
N ALA B 179 9.54 -14.83 -28.98
CA ALA B 179 9.37 -15.62 -27.77
C ALA B 179 7.94 -15.56 -27.28
N ARG B 180 7.37 -14.36 -27.22
CA ARG B 180 5.96 -14.23 -26.89
C ARG B 180 5.09 -14.88 -27.95
N GLU B 181 5.52 -14.84 -29.22
CA GLU B 181 4.76 -15.49 -30.29
C GLU B 181 4.77 -17.00 -30.14
N ALA B 182 5.91 -17.59 -29.79
CA ALA B 182 5.98 -19.03 -29.62
C ALA B 182 5.01 -19.50 -28.54
N ILE B 183 5.03 -18.83 -27.39
CA ILE B 183 4.10 -19.14 -26.30
C ILE B 183 2.65 -18.98 -26.76
N ASP B 184 2.36 -17.90 -27.48
CA ASP B 184 0.98 -17.66 -27.88
C ASP B 184 0.49 -18.74 -28.85
N LYS B 185 1.35 -19.16 -29.79
CA LYS B 185 0.97 -20.20 -30.73
C LYS B 185 0.65 -21.50 -30.01
N ALA B 186 1.40 -21.80 -28.95
CA ALA B 186 1.12 -23.00 -28.17
C ALA B 186 -0.20 -22.89 -27.42
N LEU B 187 -0.60 -21.67 -27.03
CA LEU B 187 -1.81 -21.47 -26.24
C LEU B 187 -3.06 -21.21 -27.07
N GLN B 188 -2.90 -20.87 -28.36
CA GLN B 188 -4.07 -20.55 -29.20
C GLN B 188 -5.12 -21.67 -29.22
N PRO B 189 -4.76 -22.95 -29.39
CA PRO B 189 -5.80 -23.99 -29.31
C PRO B 189 -6.46 -24.05 -27.94
N LEU B 190 -5.68 -23.83 -26.88
CA LEU B 190 -6.23 -23.84 -25.52
C LEU B 190 -7.26 -22.74 -25.32
N LEU B 191 -7.14 -21.64 -26.06
CA LEU B 191 -8.08 -20.53 -25.95
C LEU B 191 -8.83 -20.29 -27.25
N MET C 10 -40.13 25.97 15.82
CA MET C 10 -38.74 25.61 15.63
C MET C 10 -38.47 25.23 14.18
N SER C 11 -37.32 25.65 13.66
CA SER C 11 -36.95 25.43 12.27
C SER C 11 -35.85 24.38 12.12
N ARG C 12 -35.54 23.65 13.19
CA ARG C 12 -34.43 22.68 13.15
C ARG C 12 -34.64 21.66 12.04
N GLU C 13 -35.84 21.09 11.95
CA GLU C 13 -36.07 20.03 10.96
C GLU C 13 -35.87 20.58 9.55
N ALA C 14 -36.40 21.78 9.29
CA ALA C 14 -36.10 22.44 8.03
C ALA C 14 -34.62 22.79 7.94
N LEU C 15 -34.03 23.25 9.04
CA LEU C 15 -32.61 23.60 9.04
C LEU C 15 -31.72 22.37 8.94
N GLN C 16 -32.11 21.26 9.58
CA GLN C 16 -31.32 20.04 9.46
C GLN C 16 -31.38 19.48 8.06
N GLU C 17 -32.55 19.58 7.41
CA GLU C 17 -32.69 19.14 6.03
C GLU C 17 -31.80 19.95 5.11
N THR C 18 -31.61 21.25 5.40
CA THR C 18 -30.71 22.05 4.58
C THR C 18 -29.29 21.50 4.66
N LEU C 19 -28.84 21.13 5.86
CA LEU C 19 -27.51 20.56 6.02
C LEU C 19 -27.32 19.35 5.12
N SER C 20 -28.33 18.48 5.04
CA SER C 20 -28.25 17.31 4.19
C SER C 20 -28.10 17.70 2.73
N ALA C 21 -28.87 18.70 2.30
CA ALA C 21 -28.74 19.20 0.94
C ALA C 21 -27.36 19.82 0.72
N VAL C 22 -26.85 20.58 1.71
CA VAL C 22 -25.52 21.19 1.60
C VAL C 22 -24.45 20.13 1.41
N MET C 23 -24.56 19.01 2.15
CA MET C 23 -23.56 17.96 2.08
C MET C 23 -23.28 17.55 0.65
N ASP C 24 -24.28 17.69 -0.21
CA ASP C 24 -24.20 17.38 -1.62
C ASP C 24 -24.00 18.63 -2.49
N ASN C 25 -23.79 19.79 -1.86
CA ASN C 25 -23.66 21.07 -2.57
C ASN C 25 -24.90 21.36 -3.42
N GLU C 26 -26.07 21.01 -2.88
CA GLU C 26 -27.32 21.14 -3.59
C GLU C 26 -28.28 22.15 -2.97
N ALA C 27 -27.81 22.98 -2.05
CA ALA C 27 -28.66 23.95 -1.38
C ALA C 27 -28.78 25.23 -2.19
N ASP C 28 -29.93 25.89 -2.03
CA ASP C 28 -30.10 27.22 -2.60
C ASP C 28 -29.42 28.27 -1.72
N GLU C 29 -29.08 29.40 -2.33
CA GLU C 29 -28.22 30.38 -1.67
C GLU C 29 -28.85 31.00 -0.43
N LEU C 30 -30.17 31.15 -0.40
CA LEU C 30 -30.78 31.84 0.72
C LEU C 30 -30.82 30.96 1.97
N GLU C 31 -31.24 29.70 1.81
CA GLU C 31 -31.19 28.77 2.92
C GLU C 31 -29.76 28.47 3.35
N LEU C 32 -28.81 28.51 2.42
CA LEU C 32 -27.40 28.31 2.81
C LEU C 32 -26.95 29.35 3.82
N ARG C 33 -27.21 30.63 3.52
CA ARG C 33 -26.86 31.69 4.47
C ARG C 33 -27.63 31.50 5.77
N ARG C 34 -28.91 31.11 5.67
CA ARG C 34 -29.72 30.90 6.86
C ARG C 34 -29.17 29.75 7.70
N VAL C 35 -28.92 28.60 7.06
CA VAL C 35 -28.44 27.44 7.82
C VAL C 35 -27.07 27.70 8.39
N LEU C 36 -26.21 28.40 7.63
CA LEU C 36 -24.87 28.72 8.11
C LEU C 36 -24.91 29.69 9.28
N ALA C 37 -25.88 30.60 9.30
CA ALA C 37 -25.99 31.54 10.41
C ALA C 37 -26.54 30.88 11.66
N ALA C 38 -27.56 30.03 11.53
CA ALA C 38 -28.11 29.34 12.70
C ALA C 38 -27.11 28.38 13.32
N CYS C 39 -26.33 27.68 12.48
CA CYS C 39 -25.31 26.77 12.99
C CYS C 39 -24.36 27.48 13.96
N GLY C 40 -24.03 28.74 13.68
CA GLY C 40 -23.20 29.50 14.60
C GLY C 40 -23.79 29.63 15.99
N GLU C 41 -25.12 29.58 16.10
CA GLU C 41 -25.81 29.90 17.35
C GLU C 41 -26.70 28.77 17.88
N ASP C 42 -26.77 27.62 17.20
CA ASP C 42 -27.50 26.45 17.70
C ASP C 42 -26.62 25.21 17.63
N ALA C 43 -26.15 24.75 18.80
CA ALA C 43 -25.20 23.64 18.84
C ALA C 43 -25.82 22.33 18.33
N GLU C 44 -27.09 22.06 18.69
CA GLU C 44 -27.71 20.80 18.25
C GLU C 44 -27.78 20.71 16.73
N LEU C 45 -28.05 21.84 16.07
CA LEU C 45 -27.98 21.86 14.61
C LEU C 45 -26.57 21.62 14.13
N ARG C 46 -25.58 22.22 14.82
CA ARG C 46 -24.18 22.06 14.47
C ARG C 46 -23.72 20.61 14.61
N SER C 47 -24.09 19.95 15.70
CA SER C 47 -23.65 18.57 15.93
C SER C 47 -24.17 17.65 14.84
N THR C 48 -25.35 17.96 14.28
CA THR C 48 -25.91 17.16 13.19
C THR C 48 -24.96 17.10 12.00
N TRP C 49 -24.39 18.25 11.61
CA TRP C 49 -23.38 18.25 10.56
C TRP C 49 -22.25 17.28 10.89
N SER C 50 -21.74 17.36 12.12
CA SER C 50 -20.76 16.40 12.60
C SER C 50 -21.26 14.96 12.41
N ARG C 51 -22.41 14.64 13.00
CA ARG C 51 -22.96 13.28 12.90
C ARG C 51 -23.24 12.87 11.46
N TYR C 52 -23.83 13.77 10.67
CA TYR C 52 -24.06 13.49 9.25
C TYR C 52 -22.77 13.15 8.55
N GLN C 53 -21.72 13.94 8.81
CA GLN C 53 -20.43 13.69 8.18
C GLN C 53 -19.77 12.48 8.82
N LEU C 54 -20.08 12.20 10.09
CA LEU C 54 -19.62 10.97 10.71
C LEU C 54 -20.30 9.76 10.08
N ALA C 55 -21.61 9.84 9.88
CA ALA C 55 -22.32 8.74 9.23
C ALA C 55 -21.83 8.54 7.80
N ARG C 56 -21.50 9.64 7.11
CA ARG C 56 -20.94 9.52 5.77
C ARG C 56 -19.57 8.86 5.81
N SER C 57 -18.74 9.21 6.79
CA SER C 57 -17.39 8.66 6.85
C SER C 57 -17.41 7.16 7.14
N VAL C 58 -18.38 6.70 7.94
CA VAL C 58 -18.53 5.27 8.21
C VAL C 58 -18.92 4.52 6.94
N MET C 59 -19.88 5.06 6.19
CA MET C 59 -20.29 4.45 4.92
C MET C 59 -19.12 4.35 3.94
N HIS C 60 -18.17 5.27 4.01
CA HIS C 60 -17.02 5.28 3.13
C HIS C 60 -15.78 4.66 3.76
N ARG C 61 -15.92 4.09 4.95
CA ARG C 61 -14.80 3.44 5.63
C ARG C 61 -13.68 4.44 5.87
N GLU C 62 -14.03 5.62 6.34
CA GLU C 62 -13.01 6.64 6.52
C GLU C 62 -12.64 6.78 7.99
N PRO C 63 -11.47 7.36 8.28
CA PRO C 63 -11.06 7.53 9.67
C PRO C 63 -12.07 8.37 10.44
N THR C 64 -12.45 7.86 11.62
CA THR C 64 -13.35 8.57 12.52
C THR C 64 -12.84 8.37 13.95
N LEU C 65 -12.94 9.42 14.74
CA LEU C 65 -12.63 9.38 16.17
C LEU C 65 -13.83 10.03 16.83
N PRO C 66 -14.88 9.25 17.09
CA PRO C 66 -16.13 9.82 17.61
C PRO C 66 -15.92 10.69 18.83
N LYS C 67 -16.77 11.71 18.96
CA LYS C 67 -16.75 12.65 20.07
C LYS C 67 -15.49 13.50 20.07
N LEU C 68 -14.93 13.72 18.88
CA LEU C 68 -13.80 14.62 18.67
C LEU C 68 -14.34 15.92 18.09
N ASP C 69 -14.10 17.03 18.78
CA ASP C 69 -14.58 18.34 18.36
C ASP C 69 -13.42 19.35 18.46
N ILE C 70 -12.45 19.23 17.54
CA ILE C 70 -11.40 20.23 17.47
C ILE C 70 -11.94 21.53 16.88
N ALA C 71 -12.97 21.44 16.03
CA ALA C 71 -13.48 22.62 15.33
C ALA C 71 -13.81 23.73 16.31
N ALA C 72 -14.38 23.38 17.46
CA ALA C 72 -14.71 24.40 18.45
C ALA C 72 -13.47 25.13 18.91
N ALA C 73 -12.40 24.37 19.22
CA ALA C 73 -11.13 25.00 19.59
C ALA C 73 -10.58 25.86 18.47
N VAL C 74 -10.74 25.43 17.21
CA VAL C 74 -10.29 26.25 16.08
C VAL C 74 -11.14 27.51 15.99
N SER C 75 -12.47 27.35 16.03
CA SER C 75 -13.38 28.49 15.98
C SER C 75 -13.03 29.50 17.05
N ALA C 76 -12.83 29.03 18.29
CA ALA C 76 -12.49 29.93 19.39
C ALA C 76 -11.24 30.74 19.08
N ALA C 77 -10.18 30.08 18.59
CA ALA C 77 -8.93 30.79 18.31
C ALA C 77 -9.06 31.70 17.10
N LEU C 78 -9.95 31.38 16.15
CA LEU C 78 -10.16 32.21 14.97
C LEU C 78 -11.23 33.27 15.19
N ALA C 79 -11.88 33.28 16.34
CA ALA C 79 -13.01 34.20 16.57
C ALA C 79 -12.61 35.65 16.31
N ASP C 80 -11.54 36.10 16.97
CA ASP C 80 -11.14 37.50 16.94
C ASP C 80 -9.83 37.64 16.19
N GLU C 81 -9.69 38.75 15.47
CA GLU C 81 -8.62 38.98 14.48
C GLU C 81 -8.78 38.07 13.27
N GLU D 6 -15.19 18.90 -6.99
CA GLU D 6 -15.11 19.77 -5.81
C GLU D 6 -16.17 19.38 -4.79
N GLN D 7 -15.84 18.44 -3.92
CA GLN D 7 -16.83 17.91 -2.98
C GLN D 7 -17.37 18.96 -2.04
N ASP D 8 -16.63 20.00 -1.73
CA ASP D 8 -17.01 20.97 -0.71
C ASP D 8 -17.27 22.35 -1.28
N GLN D 9 -17.77 22.39 -2.52
CA GLN D 9 -17.88 23.65 -3.27
C GLN D 9 -18.67 24.70 -2.52
N GLN D 10 -19.91 24.38 -2.14
CA GLN D 10 -20.81 25.38 -1.57
C GLN D 10 -20.20 26.06 -0.35
N LEU D 11 -19.51 25.29 0.50
CA LEU D 11 -18.83 25.92 1.63
C LEU D 11 -17.52 26.53 1.18
N VAL D 12 -16.88 25.97 0.15
CA VAL D 12 -15.66 26.58 -0.37
C VAL D 12 -15.97 27.91 -1.03
N GLU D 13 -17.05 27.97 -1.82
CA GLU D 13 -17.51 29.24 -2.35
C GLU D 13 -17.59 30.28 -1.23
N ARG D 14 -18.05 29.85 -0.05
CA ARG D 14 -18.18 30.73 1.11
C ARG D 14 -16.86 31.02 1.83
N VAL D 15 -15.95 30.04 1.93
CA VAL D 15 -14.78 30.25 2.78
C VAL D 15 -13.74 31.13 2.09
N GLN D 16 -13.68 31.10 0.77
CA GLN D 16 -12.79 32.01 0.00
C GLN D 16 -13.29 33.44 0.24
N ARG D 17 -14.56 33.53 0.56
CA ARG D 17 -15.16 34.84 0.91
C ARG D 17 -14.96 35.18 2.40
N GLY D 18 -14.25 34.36 3.17
CA GLY D 18 -14.01 34.68 4.59
C GLY D 18 -15.05 34.20 5.58
N ASP D 19 -15.88 33.24 5.23
CA ASP D 19 -16.93 32.76 6.15
C ASP D 19 -16.37 31.71 7.13
N LYS D 20 -16.23 32.11 8.39
CA LYS D 20 -15.72 31.30 9.52
C LYS D 20 -16.75 30.26 9.92
N ARG D 21 -18.01 30.49 9.64
CA ARG D 21 -18.96 29.46 9.99
C ARG D 21 -18.98 28.33 8.96
N ALA D 22 -18.90 28.66 7.68
CA ALA D 22 -18.71 27.62 6.66
C ALA D 22 -17.40 26.90 6.86
N PHE D 23 -16.33 27.65 7.16
CA PHE D 23 -15.05 27.02 7.48
C PHE D 23 -15.17 26.14 8.72
N ASP D 24 -15.90 26.61 9.73
CA ASP D 24 -16.12 25.81 10.92
C ASP D 24 -16.77 24.47 10.57
N LEU D 25 -17.68 24.48 9.58
CA LEU D 25 -18.29 23.23 9.15
C LEU D 25 -17.28 22.35 8.44
N LEU D 26 -16.36 22.96 7.69
CA LEU D 26 -15.35 22.19 6.98
C LEU D 26 -14.36 21.55 7.95
N VAL D 27 -14.04 22.25 9.05
CA VAL D 27 -13.17 21.66 10.07
C VAL D 27 -13.85 20.44 10.68
N LEU D 28 -15.14 20.54 11.01
CA LEU D 28 -15.88 19.41 11.53
C LEU D 28 -15.83 18.22 10.56
N LYS D 29 -15.92 18.50 9.26
CA LYS D 29 -15.93 17.41 8.29
C LYS D 29 -14.58 16.74 8.17
N TYR D 30 -13.49 17.48 8.35
CA TYR D 30 -12.15 16.99 8.06
C TYR D 30 -11.27 16.84 9.30
N GLN D 31 -11.83 16.99 10.51
CA GLN D 31 -10.99 16.90 11.70
C GLN D 31 -10.40 15.51 11.87
N HIS D 32 -11.19 14.46 11.60
CA HIS D 32 -10.72 13.10 11.79
C HIS D 32 -9.63 12.73 10.80
N LYS D 33 -9.88 12.98 9.51
CA LYS D 33 -8.89 12.62 8.48
C LYS D 33 -7.57 13.33 8.73
N ILE D 34 -7.61 14.60 9.14
CA ILE D 34 -6.39 15.36 9.34
C ILE D 34 -5.66 14.89 10.59
N LEU D 35 -6.40 14.59 11.67
CA LEU D 35 -5.75 14.20 12.92
C LEU D 35 -4.98 12.89 12.76
N GLY D 36 -5.62 11.86 12.19
CA GLY D 36 -4.92 10.59 12.00
C GLY D 36 -3.74 10.75 11.08
N LEU D 37 -3.75 11.77 10.24
CA LEU D 37 -2.62 12.08 9.38
C LEU D 37 -1.50 12.74 10.18
N ILE D 38 -1.85 13.69 11.06
CA ILE D 38 -0.87 14.24 12.00
C ILE D 38 -0.25 13.11 12.82
N VAL D 39 -1.07 12.16 13.28
CA VAL D 39 -0.64 11.11 14.20
C VAL D 39 0.51 10.31 13.60
N ARG D 40 0.51 10.12 12.28
CA ARG D 40 1.60 9.42 11.61
C ARG D 40 2.96 10.01 11.97
N PHE D 41 2.99 11.28 12.41
CA PHE D 41 4.24 11.98 12.69
C PHE D 41 4.49 12.30 14.16
N VAL D 42 3.45 12.50 14.96
CA VAL D 42 3.66 13.11 16.27
C VAL D 42 3.67 12.09 17.41
N HIS D 43 3.01 10.94 17.21
CA HIS D 43 3.01 9.84 18.18
C HIS D 43 2.70 10.33 19.59
N ASP D 44 1.62 11.07 19.71
CA ASP D 44 1.12 11.54 21.00
C ASP D 44 -0.31 11.99 20.83
N ALA D 45 -1.15 11.70 21.82
CA ALA D 45 -2.57 12.01 21.68
C ALA D 45 -2.80 13.50 21.65
N GLN D 46 -2.28 14.22 22.66
CA GLN D 46 -2.45 15.68 22.70
C GLN D 46 -1.64 16.37 21.62
N GLU D 47 -0.32 16.16 21.61
CA GLU D 47 0.60 16.79 20.68
C GLU D 47 0.09 16.74 19.24
N ALA D 48 -0.53 15.61 18.87
CA ALA D 48 -1.15 15.50 17.56
C ALA D 48 -2.40 16.37 17.46
N GLN D 49 -3.19 16.45 18.54
CA GLN D 49 -4.39 17.27 18.52
C GLN D 49 -4.06 18.74 18.33
N ASP D 50 -3.03 19.24 19.03
CA ASP D 50 -2.66 20.65 18.94
C ASP D 50 -2.07 21.00 17.57
N VAL D 51 -1.29 20.09 16.99
CA VAL D 51 -0.83 20.32 15.62
C VAL D 51 -2.00 20.25 14.64
N ALA D 52 -2.92 19.31 14.87
CA ALA D 52 -4.12 19.23 14.04
C ALA D 52 -4.91 20.53 14.12
N GLN D 53 -4.96 21.12 15.31
CA GLN D 53 -5.59 22.43 15.49
C GLN D 53 -4.86 23.50 14.68
N GLU D 54 -3.57 23.66 14.96
CA GLU D 54 -2.74 24.66 14.30
C GLU D 54 -2.76 24.51 12.79
N ALA D 55 -2.86 23.28 12.29
CA ALA D 55 -2.87 23.06 10.84
C ALA D 55 -4.17 23.57 10.23
N PHE D 56 -5.29 23.39 10.93
CA PHE D 56 -6.55 23.98 10.46
C PHE D 56 -6.51 25.49 10.52
N ILE D 57 -5.92 26.07 11.58
CA ILE D 57 -5.75 27.52 11.66
C ILE D 57 -4.92 28.02 10.49
N LYS D 58 -3.73 27.45 10.32
CA LYS D 58 -2.86 27.83 9.21
C LYS D 58 -3.59 27.73 7.87
N ALA D 59 -4.50 26.78 7.75
CA ALA D 59 -5.30 26.68 6.54
C ALA D 59 -6.18 27.91 6.38
N TYR D 60 -6.85 28.33 7.45
CA TYR D 60 -7.66 29.54 7.39
C TYR D 60 -6.81 30.77 7.07
N ARG D 61 -5.69 30.95 7.79
CA ARG D 61 -4.88 32.15 7.63
C ARG D 61 -4.24 32.23 6.24
N ALA D 62 -4.19 31.11 5.52
CA ALA D 62 -3.53 31.03 4.22
C ALA D 62 -4.51 30.68 3.12
N LEU D 63 -5.79 31.00 3.31
CA LEU D 63 -6.79 30.83 2.26
C LEU D 63 -6.54 31.75 1.07
N GLY D 64 -5.71 32.79 1.25
CA GLY D 64 -5.31 33.61 0.12
C GLY D 64 -4.63 32.80 -0.97
N ASN D 65 -3.76 31.88 -0.58
CA ASN D 65 -3.02 31.08 -1.54
C ASN D 65 -3.83 29.92 -2.12
N PHE D 66 -5.08 29.73 -1.71
CA PHE D 66 -5.88 28.68 -2.32
C PHE D 66 -6.57 29.24 -3.56
N ARG D 67 -6.30 28.61 -4.69
CA ARG D 67 -6.75 29.04 -6.00
C ARG D 67 -7.99 28.29 -6.49
N GLY D 68 -8.46 27.29 -5.76
CA GLY D 68 -9.40 26.35 -6.32
C GLY D 68 -8.82 25.50 -7.42
N ASP D 69 -7.51 25.62 -7.68
CA ASP D 69 -6.82 24.76 -8.65
C ASP D 69 -7.10 23.29 -8.36
N SER D 70 -6.91 22.89 -7.12
CA SER D 70 -7.07 21.52 -6.68
C SER D 70 -8.31 21.43 -5.82
N ALA D 71 -8.67 20.21 -5.44
CA ALA D 71 -9.73 20.04 -4.46
C ALA D 71 -9.30 20.72 -3.17
N PHE D 72 -10.26 21.31 -2.47
CA PHE D 72 -9.95 21.99 -1.21
C PHE D 72 -9.33 21.02 -0.21
N TYR D 73 -9.81 19.78 -0.18
CA TYR D 73 -9.32 18.84 0.82
C TYR D 73 -7.87 18.46 0.57
N THR D 74 -7.48 18.27 -0.70
CA THR D 74 -6.07 18.03 -1.00
C THR D 74 -5.22 19.19 -0.50
N TRP D 75 -5.66 20.42 -0.79
CA TRP D 75 -4.99 21.61 -0.30
C TRP D 75 -4.88 21.59 1.22
N LEU D 76 -5.99 21.35 1.92
CA LEU D 76 -5.96 21.26 3.37
C LEU D 76 -5.07 20.11 3.84
N TYR D 77 -5.10 18.99 3.10
CA TYR D 77 -4.32 17.81 3.46
C TYR D 77 -2.83 18.10 3.47
N ARG D 78 -2.35 18.86 2.47
CA ARG D 78 -0.92 19.25 2.31
C ARG D 78 -0.48 20.18 3.42
N ILE D 79 -1.34 21.08 3.85
CA ILE D 79 -1.01 21.98 4.95
C ILE D 79 -0.74 21.20 6.22
N ALA D 80 -1.56 20.16 6.49
CA ALA D 80 -1.35 19.33 7.67
C ALA D 80 0.02 18.66 7.64
N ILE D 81 0.38 18.03 6.52
CA ILE D 81 1.71 17.43 6.38
C ILE D 81 2.78 18.48 6.62
N ASN D 82 2.64 19.62 5.94
CA ASN D 82 3.60 20.70 6.13
C ASN D 82 3.65 21.13 7.58
N THR D 83 2.49 21.48 8.15
CA THR D 83 2.44 21.91 9.55
C THR D 83 3.02 20.86 10.49
N ALA D 84 2.69 19.59 10.26
CA ALA D 84 3.11 18.54 11.20
C ALA D 84 4.61 18.31 11.12
N LYS D 85 5.15 18.23 9.90
CA LYS D 85 6.59 18.05 9.75
C LYS D 85 7.36 19.25 10.29
N ASN D 86 6.82 20.46 10.11
CA ASN D 86 7.44 21.65 10.67
C ASN D 86 7.58 21.56 12.19
N HIS D 87 6.57 20.99 12.85
CA HIS D 87 6.66 20.75 14.28
C HIS D 87 7.82 19.83 14.60
N LEU D 88 7.99 18.78 13.79
CA LEU D 88 9.18 17.94 13.92
C LEU D 88 10.44 18.76 13.73
N VAL D 89 10.49 19.56 12.65
CA VAL D 89 11.65 20.40 12.38
C VAL D 89 11.88 21.39 13.50
N ALA D 90 10.79 21.91 14.08
CA ALA D 90 10.93 22.90 15.13
C ALA D 90 11.65 22.33 16.35
N ARG D 91 11.58 21.03 16.56
CA ARG D 91 12.39 20.35 17.55
C ARG D 91 13.65 19.74 16.96
N GLY D 92 14.02 20.12 15.74
CA GLY D 92 15.22 19.61 15.08
C GLY D 92 15.23 18.14 14.75
N ARG D 93 14.07 17.53 14.56
CA ARG D 93 13.95 16.10 14.27
C ARG D 93 13.71 15.92 12.79
N ARG D 94 14.63 15.27 12.08
CA ARG D 94 14.39 15.10 10.63
C ARG D 94 13.06 14.35 10.50
N PRO D 95 12.15 14.79 9.60
CA PRO D 95 10.84 14.18 9.39
C PRO D 95 10.94 12.92 8.55
N PRO D 96 9.98 12.00 8.68
CA PRO D 96 10.10 10.69 8.02
C PRO D 96 10.12 10.69 6.49
N ASP D 97 9.77 11.80 5.84
CA ASP D 97 9.50 11.88 4.38
C ASP D 97 8.20 11.17 4.03
N LYS D 115 -2.13 6.11 12.30
CA LYS D 115 -3.60 5.91 12.31
C LYS D 115 -4.14 6.19 13.71
N ASP D 116 -5.43 6.43 13.79
CA ASP D 116 -6.06 6.84 15.04
C ASP D 116 -5.83 5.77 16.10
N ILE D 117 -5.15 6.17 17.17
CA ILE D 117 -4.82 5.28 18.26
C ILE D 117 -5.61 5.80 19.45
N GLU D 118 -6.63 5.05 19.85
CA GLU D 118 -7.66 5.52 20.75
C GLU D 118 -7.69 4.74 22.04
N SER D 119 -8.49 5.27 22.97
CA SER D 119 -8.82 4.60 24.22
C SER D 119 -9.50 3.26 23.96
N PRO D 120 -9.27 2.27 24.83
CA PRO D 120 -10.06 1.03 24.73
C PRO D 120 -11.56 1.26 24.82
N GLU D 121 -11.99 2.24 25.62
CA GLU D 121 -13.40 2.59 25.69
C GLU D 121 -13.86 3.25 24.41
N ARG D 122 -13.00 4.05 23.78
CA ARG D 122 -13.37 4.74 22.55
C ARG D 122 -13.39 3.77 21.37
N ALA D 123 -12.52 2.76 21.37
CA ALA D 123 -12.54 1.78 20.29
C ALA D 123 -13.81 0.94 20.30
N MET D 124 -14.43 0.75 21.46
CA MET D 124 -15.70 0.05 21.54
C MET D 124 -16.84 0.94 21.07
N LEU D 125 -16.89 2.18 21.56
CA LEU D 125 -17.96 3.10 21.15
C LEU D 125 -17.95 3.31 19.64
N ARG D 126 -16.76 3.48 19.05
CA ARG D 126 -16.69 3.61 17.60
C ARG D 126 -17.28 2.39 16.92
N ASP D 127 -17.00 1.19 17.45
CA ASP D 127 -17.55 -0.04 16.89
C ASP D 127 -19.08 -0.05 16.96
N GLU D 128 -19.63 0.27 18.13
CA GLU D 128 -21.08 0.31 18.28
C GLU D 128 -21.69 1.35 17.35
N ILE D 129 -21.04 2.52 17.24
CA ILE D 129 -21.44 3.51 16.26
C ILE D 129 -21.42 2.91 14.85
N GLU D 130 -20.29 2.28 14.49
CA GLU D 130 -20.16 1.66 13.17
C GLU D 130 -21.24 0.62 12.90
N ALA D 131 -21.47 -0.28 13.86
CA ALA D 131 -22.49 -1.31 13.68
C ALA D 131 -23.86 -0.69 13.48
N THR D 132 -24.14 0.40 14.21
CA THR D 132 -25.46 1.01 14.16
C THR D 132 -25.72 1.65 12.79
N VAL D 133 -24.68 2.17 12.13
CA VAL D 133 -24.85 2.76 10.80
C VAL D 133 -25.32 1.72 9.78
N HIS D 134 -24.53 0.65 9.61
CA HIS D 134 -24.86 -0.35 8.60
C HIS D 134 -26.18 -1.04 8.91
N GLN D 135 -26.43 -1.25 10.21
CA GLN D 135 -27.66 -1.89 10.63
C GLN D 135 -28.87 -1.05 10.23
N THR D 136 -28.77 0.28 10.39
CA THR D 136 -29.83 1.17 9.93
C THR D 136 -29.94 1.19 8.40
N ILE D 137 -28.79 1.25 7.71
CA ILE D 137 -28.80 1.18 6.25
C ILE D 137 -29.55 -0.08 5.82
N GLN D 138 -29.22 -1.20 6.45
CA GLN D 138 -29.93 -2.45 6.22
C GLN D 138 -31.44 -2.31 6.40
N GLN D 139 -31.86 -1.46 7.35
CA GLN D 139 -33.27 -1.33 7.71
C GLN D 139 -34.00 -0.16 7.06
N LEU D 140 -33.36 0.59 6.17
CA LEU D 140 -34.06 1.71 5.54
C LEU D 140 -35.09 1.17 4.56
N PRO D 141 -36.17 1.91 4.30
CA PRO D 141 -37.03 1.56 3.16
C PRO D 141 -36.23 1.62 1.87
N GLU D 142 -36.54 0.71 0.94
CA GLU D 142 -35.72 0.55 -0.26
C GLU D 142 -35.49 1.87 -0.98
N ASP D 143 -36.49 2.74 -1.00
CA ASP D 143 -36.39 3.99 -1.75
C ASP D 143 -35.30 4.89 -1.21
N LEU D 144 -35.21 5.02 0.12
CA LEU D 144 -34.19 5.87 0.73
C LEU D 144 -32.79 5.34 0.47
N ARG D 145 -32.56 4.07 0.79
CA ARG D 145 -31.22 3.50 0.61
C ARG D 145 -30.82 3.56 -0.84
N THR D 146 -31.79 3.37 -1.75
CA THR D 146 -31.51 3.53 -3.17
C THR D 146 -31.07 4.95 -3.46
N ALA D 147 -31.79 5.94 -2.93
CA ALA D 147 -31.44 7.33 -3.17
C ALA D 147 -30.10 7.70 -2.53
N LEU D 148 -29.94 7.44 -1.24
CA LEU D 148 -28.73 7.85 -0.53
C LEU D 148 -27.47 7.21 -1.11
N THR D 149 -27.53 5.91 -1.41
CA THR D 149 -26.37 5.22 -1.96
C THR D 149 -26.05 5.74 -3.36
N LEU D 150 -27.08 5.93 -4.18
CA LEU D 150 -26.86 6.54 -5.50
C LEU D 150 -26.13 7.87 -5.37
N ARG D 151 -26.46 8.66 -4.36
CA ARG D 151 -25.72 9.88 -4.08
C ARG D 151 -24.33 9.59 -3.51
N GLU D 152 -24.26 8.88 -2.38
CA GLU D 152 -23.01 8.76 -1.64
C GLU D 152 -21.99 7.90 -2.38
N PHE D 153 -22.44 6.90 -3.13
CA PHE D 153 -21.54 5.95 -3.77
C PHE D 153 -21.49 6.10 -5.28
N GLU D 154 -22.61 6.45 -5.93
CA GLU D 154 -22.55 6.76 -7.35
C GLU D 154 -22.19 8.22 -7.61
N GLY D 155 -22.31 9.09 -6.61
CA GLY D 155 -21.88 10.47 -6.77
C GLY D 155 -22.77 11.34 -7.62
N LEU D 156 -24.05 10.98 -7.76
CA LEU D 156 -24.95 11.67 -8.66
C LEU D 156 -25.57 12.91 -8.03
N SER D 157 -25.87 13.90 -8.87
CA SER D 157 -26.62 15.06 -8.43
C SER D 157 -28.08 14.67 -8.21
N TYR D 158 -28.79 15.49 -7.43
CA TYR D 158 -30.22 15.26 -7.22
C TYR D 158 -30.97 15.22 -8.54
N GLU D 159 -30.57 16.06 -9.49
CA GLU D 159 -31.11 15.99 -10.84
C GLU D 159 -30.90 14.60 -11.43
N ASP D 160 -29.64 14.20 -11.57
CA ASP D 160 -29.33 12.91 -12.18
C ASP D 160 -30.02 11.77 -11.44
N ILE D 161 -30.21 11.89 -10.12
CA ILE D 161 -30.91 10.86 -9.38
C ILE D 161 -32.40 10.89 -9.70
N ALA D 162 -32.98 12.10 -9.78
CA ALA D 162 -34.39 12.22 -10.13
C ALA D 162 -34.71 11.46 -11.41
N THR D 163 -33.81 11.51 -12.39
CA THR D 163 -34.00 10.79 -13.65
C THR D 163 -33.93 9.28 -13.44
N VAL D 164 -33.01 8.82 -12.58
CA VAL D 164 -32.79 7.38 -12.43
C VAL D 164 -34.00 6.72 -11.79
N MET D 165 -34.52 7.31 -10.71
CA MET D 165 -35.67 6.77 -9.99
C MET D 165 -37.01 7.19 -10.58
N GLN D 166 -37.02 7.97 -11.66
CA GLN D 166 -38.25 8.46 -12.29
C GLN D 166 -39.15 9.18 -11.27
N CYS D 167 -38.57 10.15 -10.58
CA CYS D 167 -39.22 10.84 -9.47
C CYS D 167 -38.76 12.29 -9.47
N PRO D 168 -39.47 13.17 -8.75
CA PRO D 168 -39.08 14.59 -8.72
C PRO D 168 -37.77 14.89 -8.00
N VAL D 169 -37.24 16.08 -8.29
CA VAL D 169 -35.97 16.55 -7.72
C VAL D 169 -36.09 16.78 -6.21
N GLY D 170 -37.24 17.26 -5.74
CA GLY D 170 -37.42 17.46 -4.31
C GLY D 170 -37.55 16.15 -3.56
N THR D 171 -38.21 15.16 -4.18
CA THR D 171 -38.31 13.85 -3.55
C THR D 171 -36.94 13.22 -3.39
N VAL D 172 -36.07 13.39 -4.38
CA VAL D 172 -34.70 12.90 -4.28
C VAL D 172 -34.00 13.60 -3.12
N ARG D 173 -34.13 14.93 -3.05
CA ARG D 173 -33.51 15.68 -1.96
C ARG D 173 -34.05 15.24 -0.60
N SER D 174 -35.34 14.93 -0.53
CA SER D 174 -35.95 14.57 0.74
C SER D 174 -35.54 13.17 1.18
N ARG D 175 -35.58 12.20 0.24
CA ARG D 175 -35.22 10.82 0.57
C ARG D 175 -33.81 10.72 1.10
N ILE D 176 -32.86 11.39 0.45
CA ILE D 176 -31.47 11.37 0.91
C ILE D 176 -31.38 11.92 2.34
N PHE D 177 -32.04 13.06 2.57
CA PHE D 177 -32.08 13.63 3.91
C PHE D 177 -32.75 12.68 4.90
N ARG D 178 -33.94 12.18 4.55
CA ARG D 178 -34.72 11.36 5.48
C ARG D 178 -33.95 10.12 5.93
N ALA D 179 -33.20 9.48 5.02
CA ALA D 179 -32.39 8.33 5.41
C ALA D 179 -31.33 8.72 6.43
N ARG D 180 -30.66 9.85 6.21
CA ARG D 180 -29.63 10.31 7.14
C ARG D 180 -30.20 10.57 8.52
N GLU D 181 -31.46 11.01 8.61
CA GLU D 181 -32.07 11.23 9.92
C GLU D 181 -32.25 9.91 10.67
N ALA D 182 -32.66 8.85 9.97
CA ALA D 182 -32.82 7.56 10.63
C ALA D 182 -31.50 7.10 11.25
N ILE D 183 -30.42 7.18 10.48
CA ILE D 183 -29.08 6.91 11.02
C ILE D 183 -28.75 7.89 12.14
N ASP D 184 -29.03 9.19 11.93
CA ASP D 184 -28.69 10.19 12.93
C ASP D 184 -29.49 9.97 14.20
N LYS D 185 -30.77 9.65 14.06
CA LYS D 185 -31.58 9.35 15.23
C LYS D 185 -31.06 8.12 15.93
N ALA D 186 -30.54 7.15 15.17
CA ALA D 186 -29.92 5.97 15.76
C ALA D 186 -28.60 6.32 16.46
N LEU D 187 -27.88 7.35 16.00
CA LEU D 187 -26.58 7.69 16.56
C LEU D 187 -26.65 8.71 17.69
N GLN D 188 -27.75 9.44 17.82
CA GLN D 188 -27.85 10.47 18.86
C GLN D 188 -27.55 9.94 20.26
N PRO D 189 -28.05 8.78 20.70
CA PRO D 189 -27.66 8.29 22.04
C PRO D 189 -26.17 7.98 22.18
N LEU D 190 -25.55 7.38 21.15
CA LEU D 190 -24.13 7.07 21.24
C LEU D 190 -23.27 8.34 21.31
N LEU D 191 -23.77 9.44 20.75
CA LEU D 191 -23.06 10.72 20.76
C LEU D 191 -23.87 11.76 21.52
N MET E 10 40.23 0.73 17.75
CA MET E 10 39.19 0.63 18.81
C MET E 10 37.95 1.50 18.49
N SER E 11 37.56 2.25 19.51
CA SER E 11 36.32 3.03 19.69
C SER E 11 35.21 2.00 19.73
N ARG E 12 35.60 0.70 19.71
CA ARG E 12 34.60 -0.35 19.55
C ARG E 12 33.58 -0.37 20.68
N GLU E 13 34.04 -0.29 21.93
CA GLU E 13 33.16 -0.58 23.05
C GLU E 13 31.98 0.38 23.13
N ALA E 14 32.23 1.67 22.97
CA ALA E 14 31.12 2.62 22.90
C ALA E 14 30.26 2.34 21.68
N LEU E 15 30.88 2.02 20.55
CA LEU E 15 30.14 1.75 19.33
C LEU E 15 29.35 0.45 19.39
N GLN E 16 29.89 -0.56 20.07
CA GLN E 16 29.17 -1.82 20.20
C GLN E 16 27.90 -1.62 21.01
N GLU E 17 27.94 -0.75 22.01
CA GLU E 17 26.73 -0.38 22.72
C GLU E 17 25.75 0.31 21.78
N THR E 18 26.26 1.12 20.85
CA THR E 18 25.41 1.75 19.85
C THR E 18 24.78 0.71 18.94
N LEU E 19 25.58 -0.27 18.51
CA LEU E 19 25.04 -1.37 17.70
C LEU E 19 23.89 -2.05 18.43
N SER E 20 24.04 -2.26 19.74
CA SER E 20 22.98 -2.87 20.51
C SER E 20 21.72 -2.02 20.51
N ALA E 21 21.89 -0.70 20.68
CA ALA E 21 20.73 0.20 20.62
C ALA E 21 20.11 0.20 19.23
N VAL E 22 20.94 0.20 18.18
CA VAL E 22 20.44 0.15 16.82
C VAL E 22 19.57 -1.09 16.62
N MET E 23 20.00 -2.23 17.19
CA MET E 23 19.20 -3.44 17.10
C MET E 23 17.79 -3.23 17.64
N ASP E 24 17.65 -2.38 18.65
CA ASP E 24 16.37 -2.12 19.31
C ASP E 24 15.71 -0.82 18.89
N ASN E 25 16.26 -0.12 17.90
CA ASN E 25 15.75 1.19 17.45
C ASN E 25 15.71 2.20 18.59
N GLU E 26 16.72 2.13 19.47
CA GLU E 26 16.80 3.04 20.62
C GLU E 26 18.03 3.92 20.58
N ALA E 27 18.73 3.99 19.46
CA ALA E 27 19.94 4.80 19.34
C ALA E 27 19.58 6.25 19.01
N ASP E 28 20.38 7.18 19.51
CA ASP E 28 20.18 8.57 19.13
C ASP E 28 20.77 8.83 17.76
N GLU E 29 20.25 9.85 17.08
CA GLU E 29 20.52 10.03 15.65
C GLU E 29 22.01 10.27 15.36
N LEU E 30 22.74 10.90 16.27
CA LEU E 30 24.14 11.20 15.99
C LEU E 30 25.00 9.95 16.16
N GLU E 31 24.80 9.21 17.26
CA GLU E 31 25.52 7.96 17.44
C GLU E 31 25.16 6.96 16.36
N LEU E 32 23.92 7.03 15.86
CA LEU E 32 23.52 6.17 14.74
C LEU E 32 24.36 6.44 13.50
N ARG E 33 24.53 7.72 13.15
CA ARG E 33 25.37 8.05 12.00
C ARG E 33 26.81 7.62 12.23
N ARG E 34 27.30 7.76 13.46
CA ARG E 34 28.68 7.41 13.76
C ARG E 34 28.94 5.92 13.54
N VAL E 35 28.05 5.06 14.05
CA VAL E 35 28.29 3.62 13.95
C VAL E 35 28.27 3.16 12.50
N LEU E 36 27.37 3.72 11.68
CA LEU E 36 27.28 3.29 10.29
C LEU E 36 28.54 3.66 9.50
N ALA E 37 29.15 4.80 9.82
CA ALA E 37 30.38 5.19 9.15
C ALA E 37 31.55 4.35 9.66
N ALA E 38 31.62 4.14 10.97
CA ALA E 38 32.67 3.29 11.54
C ALA E 38 32.58 1.87 11.02
N CYS E 39 31.37 1.37 10.79
CA CYS E 39 31.19 0.02 10.23
C CYS E 39 31.94 -0.16 8.92
N GLY E 40 31.92 0.86 8.04
CA GLY E 40 32.60 0.76 6.76
C GLY E 40 34.07 0.46 6.85
N GLU E 41 34.66 0.84 7.97
CA GLU E 41 36.12 0.76 8.06
C GLU E 41 36.62 -0.14 9.19
N ASP E 42 35.73 -0.69 10.00
CA ASP E 42 36.09 -1.64 11.04
C ASP E 42 35.25 -2.91 10.88
N ALA E 43 35.87 -3.97 10.34
CA ALA E 43 35.15 -5.22 10.11
C ALA E 43 34.74 -5.86 11.44
N GLU E 44 35.61 -5.77 12.44
CA GLU E 44 35.26 -6.31 13.75
C GLU E 44 34.02 -5.64 14.31
N LEU E 45 33.86 -4.34 14.04
CA LEU E 45 32.60 -3.68 14.37
C LEU E 45 31.46 -4.25 13.54
N ARG E 46 31.71 -4.48 12.25
CA ARG E 46 30.72 -5.10 11.38
C ARG E 46 30.39 -6.51 11.85
N SER E 47 31.43 -7.30 12.19
CA SER E 47 31.20 -8.66 12.66
C SER E 47 30.46 -8.67 13.98
N THR E 48 30.72 -7.68 14.83
CA THR E 48 30.02 -7.58 16.12
C THR E 48 28.52 -7.56 15.91
N TRP E 49 28.05 -6.76 14.96
CA TRP E 49 26.65 -6.75 14.59
C TRP E 49 26.16 -8.12 14.14
N SER E 50 26.87 -8.74 13.19
CA SER E 50 26.52 -10.08 12.72
C SER E 50 26.45 -11.07 13.87
N ARG E 51 27.52 -11.17 14.66
CA ARG E 51 27.53 -12.09 15.80
C ARG E 51 26.37 -11.78 16.74
N TYR E 52 26.14 -10.49 17.00
CA TYR E 52 24.98 -10.09 17.80
C TYR E 52 23.68 -10.58 17.17
N GLN E 53 23.55 -10.43 15.85
CA GLN E 53 22.32 -10.82 15.18
C GLN E 53 22.20 -12.33 15.03
N LEU E 54 23.32 -13.04 14.92
CA LEU E 54 23.27 -14.50 14.92
C LEU E 54 22.83 -15.02 16.28
N ALA E 55 23.39 -14.45 17.35
CA ALA E 55 22.98 -14.86 18.69
C ALA E 55 21.48 -14.58 18.94
N ARG E 56 20.95 -13.47 18.39
CA ARG E 56 19.54 -13.18 18.58
C ARG E 56 18.66 -14.22 17.91
N SER E 57 19.04 -14.64 16.70
CA SER E 57 18.26 -15.64 15.99
C SER E 57 18.29 -16.98 16.71
N VAL E 58 19.40 -17.28 17.40
CA VAL E 58 19.48 -18.51 18.18
C VAL E 58 18.47 -18.48 19.33
N MET E 59 18.38 -17.34 20.06
CA MET E 59 17.38 -17.22 21.11
C MET E 59 15.96 -17.33 20.58
N HIS E 60 15.73 -16.91 19.34
CA HIS E 60 14.41 -16.93 18.77
C HIS E 60 14.16 -18.15 17.89
N ARG E 61 15.10 -19.10 17.86
CA ARG E 61 14.96 -20.36 17.12
C ARG E 61 14.74 -20.14 15.63
N GLU E 62 15.56 -19.30 15.05
CA GLU E 62 15.50 -18.97 13.65
C GLU E 62 16.62 -19.61 12.85
N PRO E 63 16.51 -19.66 11.52
CA PRO E 63 17.62 -20.20 10.72
C PRO E 63 18.92 -19.47 10.98
N THR E 64 19.99 -20.24 11.14
CA THR E 64 21.34 -19.72 11.28
C THR E 64 22.28 -20.59 10.45
N LEU E 65 23.26 -19.94 9.81
CA LEU E 65 24.31 -20.62 9.01
C LEU E 65 25.65 -19.99 9.41
N PRO E 66 26.29 -20.40 10.53
CA PRO E 66 27.48 -19.71 11.06
C PRO E 66 28.61 -19.51 10.04
N LYS E 67 29.19 -18.29 10.03
CA LYS E 67 30.24 -17.95 9.08
C LYS E 67 29.69 -17.72 7.68
N LEU E 68 28.42 -17.29 7.58
CA LEU E 68 27.80 -16.95 6.32
C LEU E 68 27.78 -15.44 6.17
N ASP E 69 28.36 -14.93 5.07
CA ASP E 69 28.42 -13.50 4.80
C ASP E 69 28.00 -13.24 3.35
N ILE E 70 26.70 -13.31 3.08
CA ILE E 70 26.20 -12.89 1.78
C ILE E 70 26.24 -11.36 1.68
N ALA E 71 26.10 -10.68 2.82
CA ALA E 71 26.04 -9.22 2.83
C ALA E 71 27.25 -8.60 2.14
N ALA E 72 28.44 -9.15 2.37
CA ALA E 72 29.64 -8.60 1.76
C ALA E 72 29.59 -8.71 0.24
N ALA E 73 29.25 -9.90 -0.27
CA ALA E 73 29.09 -10.08 -1.71
C ALA E 73 27.96 -9.21 -2.26
N VAL E 74 26.91 -9.00 -1.47
CA VAL E 74 25.84 -8.09 -1.87
C VAL E 74 26.41 -6.68 -2.03
N SER E 75 27.17 -6.25 -1.03
CA SER E 75 27.81 -4.93 -1.08
C SER E 75 28.68 -4.77 -2.33
N ALA E 76 29.51 -5.79 -2.62
CA ALA E 76 30.43 -5.70 -3.76
C ALA E 76 29.70 -5.34 -5.04
N ALA E 77 28.58 -6.00 -5.32
CA ALA E 77 27.82 -5.68 -6.52
C ALA E 77 27.15 -4.32 -6.40
N LEU E 78 26.84 -3.88 -5.18
CA LEU E 78 26.23 -2.59 -4.91
C LEU E 78 27.24 -1.47 -4.66
N ALA E 79 28.53 -1.78 -4.62
CA ALA E 79 29.52 -0.77 -4.29
C ALA E 79 29.41 0.43 -5.21
N ASP E 80 29.49 0.20 -6.52
CA ASP E 80 29.51 1.29 -7.49
C ASP E 80 28.29 1.26 -8.40
N GLU F 6 7.23 -2.71 13.26
CA GLU F 6 8.35 -2.46 12.35
C GLU F 6 9.65 -2.58 13.12
N GLN F 7 10.15 -3.82 13.20
CA GLN F 7 11.31 -4.15 14.01
C GLN F 7 12.58 -3.45 13.56
N ASP F 8 12.67 -3.03 12.30
CA ASP F 8 13.90 -2.49 11.73
C ASP F 8 13.76 -1.00 11.42
N GLN F 9 12.98 -0.28 12.23
CA GLN F 9 12.58 1.09 11.90
C GLN F 9 13.79 1.98 11.66
N GLN F 10 14.67 2.10 12.67
CA GLN F 10 15.77 3.05 12.57
C GLN F 10 16.64 2.79 11.36
N LEU F 11 16.86 1.50 11.04
CA LEU F 11 17.69 1.15 9.90
C LEU F 11 16.92 1.26 8.59
N VAL F 12 15.60 1.09 8.62
CA VAL F 12 14.79 1.23 7.41
C VAL F 12 14.76 2.67 6.93
N GLU F 13 14.51 3.61 7.84
CA GLU F 13 14.54 5.03 7.48
C GLU F 13 15.81 5.39 6.76
N ARG F 14 16.93 4.82 7.19
CA ARG F 14 18.21 5.09 6.56
C ARG F 14 18.29 4.46 5.18
N VAL F 15 17.63 3.31 5.00
CA VAL F 15 17.74 2.58 3.74
C VAL F 15 16.86 3.21 2.67
N GLN F 16 15.66 3.68 3.04
CA GLN F 16 14.84 4.42 2.08
C GLN F 16 15.51 5.71 1.65
N ARG F 17 16.34 6.29 2.52
CA ARG F 17 17.22 7.40 2.17
C ARG F 17 18.47 6.97 1.42
N GLY F 18 18.59 5.67 1.12
CA GLY F 18 19.70 5.11 0.32
C GLY F 18 21.00 4.74 1.03
N ASP F 19 21.01 4.50 2.34
CA ASP F 19 22.24 4.18 3.07
C ASP F 19 22.59 2.72 2.84
N LYS F 20 23.73 2.48 2.18
CA LYS F 20 24.17 1.13 1.87
C LYS F 20 24.80 0.43 3.06
N ARG F 21 25.26 1.19 4.06
CA ARG F 21 25.76 0.59 5.29
C ARG F 21 24.61 0.13 6.19
N ALA F 22 23.55 0.93 6.27
CA ALA F 22 22.35 0.51 6.98
C ALA F 22 21.74 -0.73 6.32
N PHE F 23 21.74 -0.76 4.98
CA PHE F 23 21.31 -1.95 4.26
C PHE F 23 22.20 -3.14 4.60
N ASP F 24 23.51 -2.92 4.63
CA ASP F 24 24.45 -3.98 4.96
C ASP F 24 24.17 -4.57 6.33
N LEU F 25 23.76 -3.72 7.29
CA LEU F 25 23.42 -4.21 8.62
C LEU F 25 22.11 -5.01 8.58
N LEU F 26 21.15 -4.57 7.77
CA LEU F 26 19.88 -5.29 7.67
C LEU F 26 20.04 -6.63 6.97
N VAL F 27 20.92 -6.70 5.96
CA VAL F 27 21.16 -7.97 5.27
C VAL F 27 21.76 -8.99 6.22
N LEU F 28 22.77 -8.59 6.98
CA LEU F 28 23.37 -9.47 7.98
C LEU F 28 22.31 -9.99 8.94
N LYS F 29 21.31 -9.17 9.22
CA LYS F 29 20.24 -9.59 10.12
C LYS F 29 19.36 -10.65 9.47
N TYR F 30 19.16 -10.57 8.16
CA TYR F 30 18.16 -11.40 7.49
C TYR F 30 18.72 -12.38 6.48
N GLN F 31 20.05 -12.49 6.40
CA GLN F 31 20.70 -13.37 5.39
C GLN F 31 20.32 -14.85 5.62
N HIS F 32 20.24 -15.27 6.89
CA HIS F 32 19.97 -16.67 7.21
C HIS F 32 18.55 -17.06 6.84
N LYS F 33 17.56 -16.24 7.22
CA LYS F 33 16.18 -16.52 6.87
C LYS F 33 15.96 -16.53 5.37
N ILE F 34 16.60 -15.60 4.65
CA ILE F 34 16.37 -15.46 3.22
C ILE F 34 16.96 -16.63 2.46
N LEU F 35 18.15 -17.08 2.85
CA LEU F 35 18.80 -18.19 2.15
C LEU F 35 17.98 -19.48 2.28
N GLY F 36 17.53 -19.79 3.51
CA GLY F 36 16.71 -20.97 3.72
C GLY F 36 15.41 -20.94 2.96
N LEU F 37 14.95 -19.75 2.58
CA LEU F 37 13.77 -19.64 1.73
C LEU F 37 14.12 -20.03 0.30
N ILE F 38 15.23 -19.50 -0.21
CA ILE F 38 15.72 -19.89 -1.53
C ILE F 38 15.92 -21.40 -1.60
N VAL F 39 16.55 -21.97 -0.56
CA VAL F 39 16.87 -23.39 -0.57
C VAL F 39 15.60 -24.23 -0.65
N ARG F 40 14.49 -23.74 -0.17
CA ARG F 40 13.24 -24.51 -0.22
C ARG F 40 12.85 -24.77 -1.66
N PHE F 41 13.35 -23.96 -2.56
CA PHE F 41 13.01 -24.03 -3.98
C PHE F 41 14.17 -24.47 -4.87
N VAL F 42 15.41 -24.21 -4.47
CA VAL F 42 16.54 -24.30 -5.39
C VAL F 42 17.36 -25.59 -5.28
N HIS F 43 17.37 -26.25 -4.11
CA HIS F 43 18.01 -27.55 -3.93
C HIS F 43 19.45 -27.59 -4.44
N ASP F 44 20.25 -26.59 -4.05
CA ASP F 44 21.69 -26.57 -4.30
C ASP F 44 22.32 -25.52 -3.40
N ALA F 45 23.51 -25.84 -2.87
CA ALA F 45 24.12 -24.96 -1.88
C ALA F 45 24.60 -23.66 -2.51
N GLN F 46 25.41 -23.74 -3.55
CA GLN F 46 25.91 -22.52 -4.20
C GLN F 46 24.79 -21.81 -4.94
N GLU F 47 24.08 -22.52 -5.82
CA GLU F 47 22.97 -21.94 -6.58
C GLU F 47 22.04 -21.12 -5.69
N ALA F 48 21.79 -21.60 -4.46
CA ALA F 48 20.96 -20.86 -3.51
C ALA F 48 21.64 -19.59 -3.04
N GLN F 49 22.94 -19.68 -2.78
CA GLN F 49 23.69 -18.52 -2.35
C GLN F 49 23.68 -17.45 -3.42
N ASP F 50 23.76 -17.86 -4.68
CA ASP F 50 23.72 -16.92 -5.83
C ASP F 50 22.36 -16.26 -5.97
N VAL F 51 21.32 -17.02 -5.79
CA VAL F 51 19.98 -16.44 -5.86
C VAL F 51 19.70 -15.56 -4.63
N ALA F 52 20.10 -16.02 -3.45
CA ALA F 52 19.92 -15.21 -2.25
C ALA F 52 20.71 -13.91 -2.35
N GLN F 53 21.90 -13.98 -2.95
CA GLN F 53 22.69 -12.77 -3.21
C GLN F 53 21.93 -11.82 -4.13
N GLU F 54 21.54 -12.32 -5.30
CA GLU F 54 20.83 -11.50 -6.28
C GLU F 54 19.55 -10.89 -5.71
N ALA F 55 18.88 -11.61 -4.80
CA ALA F 55 17.63 -11.11 -4.24
C ALA F 55 17.85 -9.89 -3.35
N PHE F 56 18.92 -9.88 -2.57
CA PHE F 56 19.25 -8.68 -1.80
C PHE F 56 19.58 -7.52 -2.72
N ILE F 57 20.31 -7.81 -3.79
CA ILE F 57 20.59 -6.80 -4.81
C ILE F 57 19.30 -6.23 -5.36
N LYS F 58 18.42 -7.10 -5.84
CA LYS F 58 17.11 -6.67 -6.35
C LYS F 58 16.32 -5.92 -5.29
N ALA F 59 16.41 -6.33 -4.03
CA ALA F 59 15.68 -5.66 -2.96
C ALA F 59 16.15 -4.22 -2.81
N TYR F 60 17.47 -4.02 -2.75
CA TYR F 60 18.01 -2.66 -2.69
C TYR F 60 17.60 -1.86 -3.92
N ARG F 61 17.73 -2.47 -5.11
CA ARG F 61 17.45 -1.79 -6.36
C ARG F 61 15.99 -1.38 -6.50
N ALA F 62 15.10 -1.93 -5.70
CA ALA F 62 13.67 -1.66 -5.81
C ALA F 62 13.09 -1.05 -4.53
N LEU F 63 13.92 -0.35 -3.75
CA LEU F 63 13.45 0.35 -2.56
C LEU F 63 12.52 1.51 -2.89
N GLY F 64 12.48 1.96 -4.14
CA GLY F 64 11.46 2.92 -4.52
C GLY F 64 10.06 2.39 -4.27
N ASN F 65 9.83 1.12 -4.56
CA ASN F 65 8.51 0.49 -4.43
C ASN F 65 8.15 0.12 -3.01
N PHE F 66 9.04 0.35 -2.05
CA PHE F 66 8.73 0.12 -0.64
C PHE F 66 8.17 1.38 -0.01
N ARG F 67 6.96 1.25 0.54
CA ARG F 67 6.20 2.34 1.15
C ARG F 67 6.25 2.32 2.65
N GLY F 68 6.77 1.26 3.25
CA GLY F 68 6.56 1.00 4.65
C GLY F 68 5.18 0.55 5.09
N ASP F 69 4.25 0.25 4.18
CA ASP F 69 2.96 -0.31 4.57
C ASP F 69 3.15 -1.52 5.45
N SER F 70 3.95 -2.46 4.98
CA SER F 70 4.21 -3.70 5.68
C SER F 70 5.64 -3.66 6.21
N ALA F 71 5.95 -4.66 7.02
CA ALA F 71 7.29 -4.78 7.57
C ALA F 71 8.31 -4.92 6.44
N PHE F 72 9.51 -4.39 6.68
CA PHE F 72 10.57 -4.50 5.70
C PHE F 72 10.87 -5.96 5.38
N TYR F 73 10.83 -6.82 6.40
CA TYR F 73 11.17 -8.21 6.21
C TYR F 73 10.15 -8.93 5.33
N THR F 74 8.85 -8.65 5.52
CA THR F 74 7.84 -9.24 4.66
C THR F 74 8.05 -8.83 3.20
N TRP F 75 8.26 -7.53 2.98
CA TRP F 75 8.58 -7.04 1.64
C TRP F 75 9.82 -7.74 1.10
N LEU F 76 10.89 -7.77 1.90
CA LEU F 76 12.11 -8.46 1.51
C LEU F 76 11.84 -9.95 1.27
N TYR F 77 10.98 -10.55 2.10
CA TYR F 77 10.69 -11.97 2.00
C TYR F 77 10.04 -12.32 0.65
N ARG F 78 9.14 -11.47 0.16
CA ARG F 78 8.47 -11.74 -1.10
C ARG F 78 9.38 -11.47 -2.30
N ILE F 79 10.26 -10.48 -2.18
CA ILE F 79 11.28 -10.26 -3.21
C ILE F 79 12.17 -11.49 -3.33
N ALA F 80 12.52 -12.09 -2.19
CA ALA F 80 13.29 -13.32 -2.21
C ALA F 80 12.55 -14.41 -2.95
N ILE F 81 11.26 -14.59 -2.65
CA ILE F 81 10.45 -15.57 -3.38
C ILE F 81 10.48 -15.28 -4.87
N ASN F 82 10.17 -14.04 -5.25
CA ASN F 82 10.13 -13.66 -6.66
C ASN F 82 11.45 -13.96 -7.35
N THR F 83 12.55 -13.49 -6.76
CA THR F 83 13.88 -13.76 -7.30
C THR F 83 14.08 -15.26 -7.50
N ALA F 84 13.62 -16.07 -6.53
CA ALA F 84 13.86 -17.50 -6.57
C ALA F 84 13.01 -18.19 -7.65
N LYS F 85 11.71 -17.91 -7.67
CA LYS F 85 10.84 -18.53 -8.67
C LYS F 85 11.14 -18.05 -10.08
N ASN F 86 11.48 -16.77 -10.25
CA ASN F 86 11.90 -16.29 -11.56
C ASN F 86 13.08 -17.09 -12.07
N HIS F 87 14.01 -17.43 -11.16
CA HIS F 87 15.15 -18.25 -11.53
C HIS F 87 14.70 -19.60 -12.07
N LEU F 88 13.71 -20.22 -11.45
CA LEU F 88 13.14 -21.49 -11.97
C LEU F 88 12.41 -21.24 -13.29
N VAL F 89 11.58 -20.20 -13.35
CA VAL F 89 10.85 -19.93 -14.59
C VAL F 89 11.81 -19.60 -15.71
N ALA F 90 12.93 -18.97 -15.38
CA ALA F 90 13.91 -18.62 -16.41
C ALA F 90 14.51 -19.91 -16.98
N ARG F 91 14.18 -21.05 -16.40
CA ARG F 91 14.66 -22.38 -16.82
C ARG F 91 13.45 -23.25 -17.17
N GLY F 92 12.32 -22.65 -17.50
CA GLY F 92 11.15 -23.42 -17.95
C GLY F 92 10.67 -24.42 -16.93
N ARG F 93 10.92 -24.17 -15.67
CA ARG F 93 10.51 -25.06 -14.61
C ARG F 93 9.31 -24.46 -13.89
N ARG F 94 8.19 -25.19 -13.85
CA ARG F 94 7.06 -24.71 -13.07
C ARG F 94 7.51 -24.60 -11.63
N PRO F 95 7.38 -23.44 -10.99
CA PRO F 95 7.80 -23.33 -9.58
C PRO F 95 6.86 -24.11 -8.69
N PRO F 96 7.31 -24.53 -7.51
CA PRO F 96 6.49 -25.44 -6.68
C PRO F 96 5.12 -24.88 -6.31
N ASP F 97 5.06 -23.60 -5.96
CA ASP F 97 3.89 -22.81 -5.48
C ASP F 97 4.13 -22.39 -4.04
N LYS F 115 15.24 -26.41 4.34
CA LYS F 115 15.88 -25.47 5.27
C LYS F 115 17.40 -25.66 5.23
N ASP F 116 18.12 -24.85 6.01
CA ASP F 116 19.58 -24.82 5.94
C ASP F 116 20.18 -26.20 6.16
N ILE F 117 20.86 -26.71 5.13
CA ILE F 117 21.52 -28.01 5.16
C ILE F 117 23.00 -27.78 4.93
N GLU F 118 23.78 -28.15 5.93
CA GLU F 118 25.19 -27.76 5.91
C GLU F 118 26.10 -28.96 6.05
N SER F 119 27.38 -28.75 5.77
CA SER F 119 28.33 -29.82 5.99
C SER F 119 28.16 -30.36 7.41
N PRO F 120 28.42 -31.64 7.64
CA PRO F 120 28.34 -32.18 9.01
C PRO F 120 29.12 -31.37 10.04
N GLU F 121 30.22 -30.72 9.63
CA GLU F 121 30.99 -29.92 10.57
C GLU F 121 30.24 -28.68 11.05
N ARG F 122 29.43 -28.07 10.18
CA ARG F 122 28.71 -26.87 10.57
C ARG F 122 27.52 -27.20 11.48
N ALA F 123 26.90 -28.36 11.29
CA ALA F 123 25.78 -28.74 12.16
C ALA F 123 26.24 -28.95 13.59
N MET F 124 27.51 -29.32 13.78
CA MET F 124 28.07 -29.40 15.12
C MET F 124 28.31 -28.00 15.68
N LEU F 125 28.87 -27.11 14.85
CA LEU F 125 29.13 -25.74 15.27
C LEU F 125 27.85 -25.04 15.72
N ARG F 126 26.78 -25.17 14.94
CA ARG F 126 25.51 -24.55 15.35
C ARG F 126 25.03 -25.14 16.67
N ASP F 127 25.22 -26.46 16.86
CA ASP F 127 24.86 -27.08 18.12
C ASP F 127 25.64 -26.44 19.26
N GLU F 128 26.95 -26.26 19.07
CA GLU F 128 27.77 -25.62 20.10
C GLU F 128 27.28 -24.21 20.39
N ILE F 129 27.09 -23.40 19.35
CA ILE F 129 26.57 -22.05 19.50
C ILE F 129 25.21 -22.07 20.21
N GLU F 130 24.29 -22.90 19.70
CA GLU F 130 22.99 -23.04 20.35
C GLU F 130 23.17 -23.44 21.81
N ALA F 131 24.05 -24.42 22.06
CA ALA F 131 24.32 -24.82 23.44
C ALA F 131 24.92 -23.66 24.23
N THR F 132 25.86 -22.92 23.61
CA THR F 132 26.60 -21.88 24.32
C THR F 132 25.76 -20.64 24.61
N VAL F 133 24.84 -20.27 23.71
CA VAL F 133 23.99 -19.11 23.95
C VAL F 133 23.21 -19.31 25.24
N HIS F 134 22.55 -20.46 25.35
CA HIS F 134 21.76 -20.76 26.53
C HIS F 134 22.63 -20.86 27.78
N GLN F 135 23.82 -21.45 27.66
CA GLN F 135 24.69 -21.56 28.83
C GLN F 135 25.17 -20.19 29.28
N THR F 136 25.54 -19.32 28.33
CA THR F 136 25.94 -17.97 28.70
C THR F 136 24.78 -17.19 29.29
N ILE F 137 23.58 -17.33 28.69
CA ILE F 137 22.38 -16.71 29.26
C ILE F 137 22.10 -17.25 30.66
N GLN F 138 22.08 -18.57 30.80
CA GLN F 138 21.76 -19.21 32.08
C GLN F 138 22.61 -18.66 33.22
N GLN F 139 23.82 -18.24 32.93
CA GLN F 139 24.74 -17.73 33.95
C GLN F 139 24.65 -16.22 34.11
N LEU F 140 23.73 -15.54 33.39
CA LEU F 140 23.65 -14.11 33.51
C LEU F 140 23.04 -13.71 34.86
N PRO F 141 23.42 -12.57 35.40
CA PRO F 141 22.69 -12.00 36.55
C PRO F 141 21.25 -11.68 36.17
N GLU F 142 20.34 -11.89 37.12
CA GLU F 142 18.92 -11.71 36.83
C GLU F 142 18.66 -10.35 36.20
N ASP F 143 19.38 -9.31 36.66
CA ASP F 143 19.16 -7.97 36.13
C ASP F 143 19.54 -7.91 34.66
N LEU F 144 20.68 -8.49 34.29
CA LEU F 144 21.05 -8.56 32.88
C LEU F 144 20.07 -9.44 32.11
N ARG F 145 19.80 -10.64 32.62
CA ARG F 145 18.91 -11.57 31.92
C ARG F 145 17.49 -11.02 31.79
N THR F 146 16.98 -10.36 32.83
CA THR F 146 15.62 -9.81 32.80
C THR F 146 15.49 -8.73 31.72
N ALA F 147 16.46 -7.83 31.64
CA ALA F 147 16.39 -6.77 30.65
C ALA F 147 16.34 -7.36 29.25
N LEU F 148 17.25 -8.29 28.94
CA LEU F 148 17.28 -8.90 27.62
C LEU F 148 15.98 -9.63 27.30
N THR F 149 15.45 -10.40 28.26
CA THR F 149 14.23 -11.17 28.01
C THR F 149 13.01 -10.25 27.87
N LEU F 150 12.85 -9.29 28.79
CA LEU F 150 11.74 -8.34 28.67
C LEU F 150 11.77 -7.63 27.34
N ARG F 151 12.97 -7.27 26.89
CA ARG F 151 13.14 -6.71 25.55
C ARG F 151 12.85 -7.75 24.48
N GLU F 152 13.55 -8.89 24.55
CA GLU F 152 13.48 -9.85 23.45
C GLU F 152 12.14 -10.55 23.39
N PHE F 153 11.51 -10.81 24.53
CA PHE F 153 10.31 -11.62 24.58
C PHE F 153 9.05 -10.84 24.92
N GLU F 154 9.14 -9.83 25.78
CA GLU F 154 7.99 -8.94 25.98
C GLU F 154 7.96 -7.81 24.96
N GLY F 155 9.08 -7.54 24.30
CA GLY F 155 9.10 -6.53 23.26
C GLY F 155 9.05 -5.10 23.75
N LEU F 156 9.47 -4.84 24.99
CA LEU F 156 9.28 -3.53 25.58
C LEU F 156 10.36 -2.55 25.13
N SER F 157 9.99 -1.28 25.10
CA SER F 157 10.95 -0.23 24.85
C SER F 157 11.89 -0.08 26.04
N TYR F 158 13.05 0.51 25.80
CA TYR F 158 13.98 0.80 26.89
C TYR F 158 13.31 1.64 27.97
N GLU F 159 12.38 2.50 27.57
CA GLU F 159 11.55 3.23 28.51
C GLU F 159 10.82 2.27 29.45
N ASP F 160 9.92 1.46 28.87
CA ASP F 160 9.10 0.55 29.66
C ASP F 160 9.94 -0.43 30.48
N ILE F 161 11.11 -0.81 29.96
CA ILE F 161 11.96 -1.73 30.72
C ILE F 161 12.51 -1.02 31.95
N ALA F 162 12.93 0.24 31.78
CA ALA F 162 13.32 1.05 32.93
C ALA F 162 12.20 1.14 33.95
N THR F 163 10.96 1.28 33.47
CA THR F 163 9.80 1.41 34.36
C THR F 163 9.58 0.13 35.17
N VAL F 164 9.80 -1.05 34.57
CA VAL F 164 9.57 -2.30 35.28
C VAL F 164 10.68 -2.55 36.31
N MET F 165 11.95 -2.42 35.89
CA MET F 165 13.06 -2.71 36.79
C MET F 165 13.33 -1.57 37.76
N GLN F 166 12.51 -0.53 37.72
CA GLN F 166 12.65 0.64 38.60
C GLN F 166 14.06 1.19 38.50
N CYS F 167 14.44 1.50 37.26
CA CYS F 167 15.81 1.87 36.94
C CYS F 167 15.76 2.94 35.86
N PRO F 168 16.85 3.66 35.65
CA PRO F 168 16.94 4.62 34.54
C PRO F 168 17.07 3.93 33.19
N VAL F 169 16.73 4.69 32.14
CA VAL F 169 16.83 4.19 30.78
C VAL F 169 18.28 3.94 30.41
N GLY F 170 19.22 4.70 30.97
CA GLY F 170 20.62 4.44 30.69
C GLY F 170 21.08 3.14 31.33
N THR F 171 20.53 2.83 32.52
CA THR F 171 20.82 1.55 33.14
C THR F 171 20.33 0.39 32.29
N VAL F 172 19.16 0.53 31.68
CA VAL F 172 18.61 -0.52 30.82
C VAL F 172 19.52 -0.78 29.62
N ARG F 173 19.90 0.29 28.92
CA ARG F 173 20.68 0.15 27.70
C ARG F 173 21.98 -0.61 27.94
N SER F 174 22.60 -0.40 29.10
CA SER F 174 23.82 -1.13 29.42
C SER F 174 23.50 -2.56 29.80
N ARG F 175 22.45 -2.77 30.60
CA ARG F 175 22.06 -4.11 31.01
C ARG F 175 21.78 -5.00 29.81
N ILE F 176 21.01 -4.49 28.85
CA ILE F 176 20.78 -5.23 27.61
C ILE F 176 22.09 -5.40 26.85
N PHE F 177 22.89 -4.32 26.75
CA PHE F 177 24.17 -4.40 26.05
C PHE F 177 25.12 -5.38 26.72
N ARG F 178 25.33 -5.23 28.04
CA ARG F 178 26.28 -6.10 28.74
C ARG F 178 25.86 -7.56 28.62
N ALA F 179 24.54 -7.82 28.67
CA ALA F 179 24.06 -9.17 28.46
C ALA F 179 24.38 -9.66 27.05
N ARG F 180 24.15 -8.81 26.05
CA ARG F 180 24.51 -9.17 24.68
C ARG F 180 26.02 -9.32 24.52
N GLU F 181 26.81 -8.50 25.23
CA GLU F 181 28.27 -8.64 25.15
C GLU F 181 28.75 -9.93 25.79
N ALA F 182 28.18 -10.30 26.94
CA ALA F 182 28.57 -11.54 27.60
C ALA F 182 28.30 -12.74 26.70
N ILE F 183 27.10 -12.78 26.10
CA ILE F 183 26.79 -13.84 25.14
C ILE F 183 27.77 -13.81 23.97
N ASP F 184 28.06 -12.60 23.46
CA ASP F 184 28.93 -12.49 22.29
C ASP F 184 30.35 -12.96 22.57
N LYS F 185 30.89 -12.62 23.74
CA LYS F 185 32.26 -13.03 24.07
C LYS F 185 32.37 -14.54 24.14
N ALA F 186 31.33 -15.21 24.65
CA ALA F 186 31.33 -16.67 24.69
C ALA F 186 31.28 -17.26 23.30
N LEU F 187 30.66 -16.54 22.34
CA LEU F 187 30.51 -17.02 20.98
C LEU F 187 31.65 -16.60 20.05
N GLN F 188 32.46 -15.61 20.45
CA GLN F 188 33.52 -15.11 19.56
C GLN F 188 34.48 -16.20 19.08
N PRO F 189 35.01 -17.09 19.92
CA PRO F 189 35.88 -18.14 19.38
C PRO F 189 35.19 -19.07 18.39
N LEU F 190 33.91 -19.38 18.62
CA LEU F 190 33.18 -20.22 17.67
C LEU F 190 33.09 -19.55 16.30
N LEU F 191 33.13 -18.23 16.27
CA LEU F 191 33.07 -17.49 15.01
C LEU F 191 34.34 -16.67 14.81
#